data_7RGU
#
_entry.id   7RGU
#
_cell.length_a   87.809
_cell.length_b   135.939
_cell.length_c   156.756
_cell.angle_alpha   90.000
_cell.angle_beta   90.000
_cell.angle_gamma   90.000
#
_symmetry.space_group_name_H-M   'P 21 21 21'
#
loop_
_entity.id
_entity.type
_entity.pdbx_description
1 polymer 'Repressor of competence, RNA Chaperone'
2 polymer 'Modified SL3 of RocR'
#
loop_
_entity_poly.entity_id
_entity_poly.type
_entity_poly.pdbx_seq_one_letter_code
_entity_poly.pdbx_strand_id
1 'polypeptide(L)'
;GPLGSNKAQKNQSKRARSDALLWLAANFPEAFDNSLRIRPLKIGIMSDILQHAEKAEQVGVSKSKLREAVVLFTRRLDYL
ACLKAREVRIDLHGNPVAEVTEEEAENASMKIKKRVEK
;
A,C,E,G,I,K,M,O,Q,S
2 'polyribonucleotide' UGGGUCAAUCUUCGGAUUGGCCCUUUCU B,D,F,H
#
loop_
_chem_comp.id
_chem_comp.type
_chem_comp.name
_chem_comp.formula
A RNA linking ADENOSINE-5'-MONOPHOSPHATE 'C10 H14 N5 O7 P'
C RNA linking CYTIDINE-5'-MONOPHOSPHATE 'C9 H14 N3 O8 P'
G RNA linking GUANOSINE-5'-MONOPHOSPHATE 'C10 H14 N5 O8 P'
U RNA linking URIDINE-5'-MONOPHOSPHATE 'C9 H13 N2 O9 P'
#
# COMPACT_ATOMS: atom_id res chain seq x y z
N ASN A 6 18.96 -30.58 -10.21
CA ASN A 6 18.44 -29.41 -9.49
C ASN A 6 19.30 -29.10 -8.28
N LYS A 7 20.00 -30.12 -7.78
CA LYS A 7 20.86 -29.94 -6.62
C LYS A 7 22.04 -29.02 -6.95
N ALA A 8 22.66 -29.21 -8.10
CA ALA A 8 23.83 -28.40 -8.49
C ALA A 8 23.42 -27.07 -9.10
N GLN A 9 22.25 -26.99 -9.72
CA GLN A 9 21.83 -25.74 -10.34
C GLN A 9 21.72 -24.62 -9.32
N LYS A 10 21.44 -24.95 -8.06
CA LYS A 10 21.38 -23.94 -7.01
C LYS A 10 22.76 -23.62 -6.44
N ASN A 11 23.72 -24.55 -6.54
CA ASN A 11 25.06 -24.28 -6.05
C ASN A 11 25.81 -23.33 -6.98
N GLN A 12 25.64 -23.51 -8.30
CA GLN A 12 26.28 -22.62 -9.24
C GLN A 12 25.81 -21.18 -9.05
N SER A 13 24.55 -20.99 -8.64
CA SER A 13 24.06 -19.64 -8.38
C SER A 13 24.74 -19.05 -7.16
N LYS A 14 25.01 -19.87 -6.14
CA LYS A 14 25.71 -19.36 -4.97
C LYS A 14 27.15 -18.99 -5.31
N ARG A 15 27.83 -19.83 -6.09
CA ARG A 15 29.20 -19.52 -6.51
C ARG A 15 29.23 -18.31 -7.43
N ALA A 16 28.28 -18.22 -8.37
CA ALA A 16 28.19 -17.04 -9.22
C ALA A 16 27.96 -15.79 -8.40
N ARG A 17 27.34 -15.93 -7.23
CA ARG A 17 27.16 -14.78 -6.34
C ARG A 17 28.41 -14.49 -5.54
N SER A 18 29.16 -15.52 -5.13
CA SER A 18 30.48 -15.30 -4.56
C SER A 18 31.35 -14.49 -5.51
N ASP A 19 31.57 -15.02 -6.72
CA ASP A 19 32.36 -14.32 -7.71
C ASP A 19 31.90 -12.88 -7.88
N ALA A 20 30.58 -12.66 -7.84
CA ALA A 20 30.08 -11.30 -7.98
C ALA A 20 30.50 -10.44 -6.80
N LEU A 21 30.29 -10.93 -5.57
CA LEU A 21 30.65 -10.14 -4.39
C LEU A 21 32.16 -9.99 -4.26
N LEU A 22 32.91 -11.05 -4.58
CA LEU A 22 34.36 -10.95 -4.54
C LEU A 22 34.88 -9.93 -5.54
N TRP A 23 34.26 -9.87 -6.73
CA TRP A 23 34.66 -8.85 -7.68
C TRP A 23 34.43 -7.45 -7.10
N LEU A 24 33.31 -7.26 -6.42
CA LEU A 24 33.03 -5.96 -5.81
C LEU A 24 34.06 -5.63 -4.74
N ALA A 25 34.40 -6.60 -3.89
CA ALA A 25 35.37 -6.35 -2.84
C ALA A 25 36.76 -6.08 -3.40
N ALA A 26 37.07 -6.60 -4.60
CA ALA A 26 38.40 -6.43 -5.17
C ALA A 26 38.54 -5.10 -5.89
N ASN A 27 37.48 -4.62 -6.55
CA ASN A 27 37.55 -3.38 -7.31
C ASN A 27 37.06 -2.17 -6.54
N PHE A 28 36.19 -2.36 -5.54
CA PHE A 28 35.68 -1.27 -4.71
C PHE A 28 35.82 -1.68 -3.25
N PRO A 29 37.07 -1.78 -2.78
CA PRO A 29 37.28 -2.27 -1.40
C PRO A 29 36.81 -1.31 -0.33
N GLU A 30 36.85 0.00 -0.60
CA GLU A 30 36.41 0.95 0.41
C GLU A 30 34.96 0.72 0.82
N ALA A 31 34.18 0.03 0.00
CA ALA A 31 32.76 -0.21 0.27
C ALA A 31 32.42 -1.66 0.57
N PHE A 32 33.03 -2.62 -0.12
CA PHE A 32 32.63 -4.02 -0.03
C PHE A 32 33.72 -4.96 0.49
N ASP A 33 34.88 -4.43 0.86
CA ASP A 33 35.93 -5.24 1.48
C ASP A 33 35.72 -5.20 2.99
N ASN A 34 34.92 -6.14 3.49
CA ASN A 34 34.55 -6.15 4.89
C ASN A 34 35.64 -6.67 5.82
N SER A 35 36.83 -6.98 5.29
CA SER A 35 37.95 -7.32 6.16
C SER A 35 38.49 -6.06 6.84
N LEU A 36 38.52 -4.94 6.12
CA LEU A 36 38.99 -3.68 6.69
C LEU A 36 37.94 -3.08 7.63
N ARG A 37 36.70 -2.97 7.16
CA ARG A 37 35.63 -2.35 7.93
C ARG A 37 34.34 -2.50 7.13
N ILE A 38 33.21 -2.29 7.82
CA ILE A 38 31.89 -2.25 7.19
C ILE A 38 31.30 -0.87 7.45
N ARG A 39 30.87 -0.20 6.39
CA ARG A 39 30.32 1.14 6.50
C ARG A 39 29.06 1.27 5.68
N PRO A 40 28.12 2.12 6.10
CA PRO A 40 26.90 2.32 5.31
C PRO A 40 27.20 2.78 3.90
N LEU A 41 26.39 2.29 2.95
CA LEU A 41 26.60 2.58 1.54
C LEU A 41 25.68 3.70 1.06
N LYS A 42 26.20 4.52 0.15
CA LYS A 42 25.43 5.59 -0.47
C LYS A 42 24.06 5.07 -0.93
N ILE A 43 23.05 5.92 -0.78
CA ILE A 43 21.73 5.60 -1.31
C ILE A 43 21.77 5.69 -2.83
N GLY A 44 21.46 4.57 -3.49
CA GLY A 44 21.59 4.47 -4.93
C GLY A 44 22.94 3.97 -5.39
N ILE A 45 23.70 3.33 -4.51
CA ILE A 45 25.01 2.79 -4.88
C ILE A 45 24.87 1.78 -6.00
N MET A 46 23.71 1.12 -6.10
CA MET A 46 23.50 0.14 -7.16
CA MET A 46 23.51 0.14 -7.16
C MET A 46 23.64 0.77 -8.54
N SER A 47 23.14 1.99 -8.70
CA SER A 47 23.30 2.68 -9.97
C SER A 47 24.78 2.92 -10.26
N ASP A 48 25.56 3.31 -9.25
CA ASP A 48 26.99 3.54 -9.46
C ASP A 48 27.71 2.25 -9.82
N ILE A 49 27.30 1.11 -9.24
CA ILE A 49 27.96 -0.15 -9.51
C ILE A 49 27.69 -0.60 -10.94
N LEU A 50 26.45 -0.45 -11.41
CA LEU A 50 26.08 -0.91 -12.75
C LEU A 50 26.71 -0.05 -13.85
N GLN A 51 27.30 1.10 -13.51
CA GLN A 51 28.08 1.83 -14.51
C GLN A 51 29.39 1.11 -14.82
N HIS A 52 29.75 0.11 -14.01
CA HIS A 52 30.93 -0.72 -14.25
C HIS A 52 30.55 -2.11 -14.73
N ALA A 53 29.31 -2.28 -15.21
CA ALA A 53 28.86 -3.61 -15.62
C ALA A 53 29.74 -4.18 -16.71
N GLU A 54 30.30 -3.33 -17.58
CA GLU A 54 31.15 -3.83 -18.65
C GLU A 54 32.46 -4.37 -18.10
N LYS A 55 33.05 -3.69 -17.13
CA LYS A 55 34.30 -4.14 -16.52
C LYS A 55 34.10 -5.43 -15.73
N ALA A 56 32.89 -5.65 -15.18
CA ALA A 56 32.61 -6.87 -14.44
C ALA A 56 32.28 -8.03 -15.38
N GLU A 57 31.66 -7.74 -16.53
CA GLU A 57 31.35 -8.80 -17.48
C GLU A 57 32.61 -9.43 -18.04
N GLN A 58 33.70 -8.66 -18.15
CA GLN A 58 34.95 -9.20 -18.68
C GLN A 58 35.49 -10.35 -17.86
N VAL A 59 34.98 -10.57 -16.65
CA VAL A 59 35.40 -11.67 -15.80
C VAL A 59 34.22 -12.57 -15.43
N GLY A 60 33.10 -12.45 -16.14
CA GLY A 60 31.99 -13.38 -15.98
C GLY A 60 30.88 -12.93 -15.06
N VAL A 61 30.98 -11.74 -14.46
CA VAL A 61 30.01 -11.27 -13.49
C VAL A 61 28.92 -10.50 -14.21
N SER A 62 27.68 -10.96 -14.06
CA SER A 62 26.53 -10.35 -14.73
C SER A 62 25.91 -9.25 -13.86
N LYS A 63 25.12 -8.40 -14.52
CA LYS A 63 24.40 -7.35 -13.80
C LYS A 63 23.50 -7.94 -12.71
N SER A 64 22.69 -8.94 -13.07
CA SER A 64 21.79 -9.55 -12.11
C SER A 64 22.54 -10.16 -10.94
N LYS A 65 23.77 -10.63 -11.16
CA LYS A 65 24.55 -11.21 -10.07
C LYS A 65 25.20 -10.15 -9.20
N LEU A 66 25.52 -8.98 -9.75
CA LEU A 66 25.96 -7.88 -8.92
C LEU A 66 24.84 -7.44 -7.99
N ARG A 67 23.60 -7.40 -8.49
CA ARG A 67 22.47 -7.05 -7.65
C ARG A 67 22.29 -8.09 -6.54
N GLU A 68 22.33 -9.37 -6.91
CA GLU A 68 22.15 -10.44 -5.95
C GLU A 68 23.26 -10.45 -4.89
N ALA A 69 24.41 -9.85 -5.20
CA ALA A 69 25.53 -9.81 -4.27
C ALA A 69 25.40 -8.67 -3.28
N VAL A 70 25.04 -7.48 -3.77
CA VAL A 70 24.79 -6.36 -2.87
C VAL A 70 23.66 -6.69 -1.90
N VAL A 71 22.67 -7.46 -2.35
CA VAL A 71 21.59 -7.87 -1.47
C VAL A 71 22.13 -8.74 -0.35
N LEU A 72 22.95 -9.73 -0.69
CA LEU A 72 23.58 -10.55 0.33
C LEU A 72 24.44 -9.70 1.27
N PHE A 73 25.19 -8.75 0.70
CA PHE A 73 26.08 -7.93 1.52
C PHE A 73 25.32 -7.10 2.53
N THR A 74 24.15 -6.58 2.15
CA THR A 74 23.41 -5.64 2.98
C THR A 74 22.36 -6.30 3.87
N ARG A 75 22.16 -7.60 3.76
CA ARG A 75 21.29 -8.32 4.67
C ARG A 75 22.05 -9.03 5.78
N ARG A 76 23.38 -8.98 5.74
CA ARG A 76 24.17 -9.50 6.84
C ARG A 76 23.92 -8.69 8.10
N LEU A 77 23.99 -9.37 9.25
CA LEU A 77 23.74 -8.70 10.51
C LEU A 77 24.77 -7.61 10.78
N ASP A 78 26.01 -7.80 10.33
CA ASP A 78 27.03 -6.79 10.56
C ASP A 78 26.74 -5.51 9.80
N TYR A 79 26.17 -5.61 8.59
CA TYR A 79 25.81 -4.39 7.88
C TYR A 79 24.68 -3.66 8.60
N LEU A 80 23.59 -4.37 8.90
CA LEU A 80 22.49 -3.74 9.63
C LEU A 80 22.97 -3.16 10.96
N ALA A 81 24.03 -3.75 11.54
CA ALA A 81 24.51 -3.30 12.83
C ALA A 81 25.27 -1.98 12.75
N CYS A 82 25.78 -1.61 11.58
CA CYS A 82 26.49 -0.35 11.41
C CYS A 82 25.61 0.77 10.89
N LEU A 83 24.31 0.50 10.69
CA LEU A 83 23.36 1.52 10.26
C LEU A 83 22.83 2.26 11.50
N LYS A 84 23.71 3.08 12.07
CA LYS A 84 23.38 3.84 13.27
C LYS A 84 23.07 5.27 12.89
N ALA A 85 22.23 5.92 13.70
CA ALA A 85 21.76 7.25 13.37
C ALA A 85 22.93 8.19 13.13
N ARG A 86 22.91 8.83 11.97
CA ARG A 86 23.90 9.82 11.56
C ARG A 86 25.30 9.25 11.34
N GLU A 87 25.39 7.96 11.03
CA GLU A 87 26.63 7.41 10.49
C GLU A 87 26.74 7.79 9.02
N VAL A 88 27.97 7.95 8.55
CA VAL A 88 28.20 8.46 7.21
C VAL A 88 28.02 7.36 6.20
N ARG A 89 27.22 7.63 5.16
CA ARG A 89 27.14 6.77 4.00
C ARG A 89 28.25 7.16 3.03
N ILE A 90 28.88 6.16 2.43
CA ILE A 90 30.07 6.36 1.59
C ILE A 90 29.82 5.80 0.20
N ASP A 91 30.46 6.42 -0.78
CA ASP A 91 30.35 5.96 -2.16
C ASP A 91 31.34 4.80 -2.36
N LEU A 92 31.56 4.41 -3.61
CA LEU A 92 32.42 3.26 -3.88
C LEU A 92 33.87 3.49 -3.49
N HIS A 93 34.27 4.74 -3.18
CA HIS A 93 35.65 5.06 -2.85
C HIS A 93 35.81 5.57 -1.42
N GLY A 94 34.81 5.35 -0.57
CA GLY A 94 34.90 5.76 0.82
C GLY A 94 34.64 7.23 1.09
N ASN A 95 34.20 7.99 0.08
CA ASN A 95 33.99 9.42 0.26
C ASN A 95 32.63 9.67 0.93
N PRO A 96 32.57 10.60 1.87
CA PRO A 96 31.27 10.93 2.49
C PRO A 96 30.32 11.61 1.51
N VAL A 97 29.06 11.17 1.53
CA VAL A 97 28.07 11.68 0.58
C VAL A 97 26.73 11.95 1.25
N ALA A 98 26.46 11.33 2.39
CA ALA A 98 25.18 11.52 3.06
C ALA A 98 25.27 10.97 4.48
N GLU A 99 24.16 11.06 5.21
CA GLU A 99 24.08 10.58 6.58
C GLU A 99 22.88 9.66 6.74
N VAL A 100 22.97 8.73 7.69
CA VAL A 100 21.87 7.80 7.97
C VAL A 100 20.82 8.51 8.81
N THR A 101 19.57 8.46 8.32
CA THR A 101 18.46 9.12 8.98
C THR A 101 17.95 8.30 10.16
N GLU A 102 17.22 8.98 11.06
CA GLU A 102 16.71 8.32 12.25
C GLU A 102 15.80 7.15 11.90
N GLU A 103 14.95 7.32 10.87
CA GLU A 103 14.06 6.24 10.47
C GLU A 103 14.84 5.04 9.98
N GLU A 104 15.83 5.27 9.12
CA GLU A 104 16.62 4.19 8.57
C GLU A 104 17.38 3.44 9.66
N ALA A 105 17.83 4.17 10.70
CA ALA A 105 18.55 3.51 11.79
C ALA A 105 17.61 2.65 12.61
N GLU A 106 16.37 3.11 12.84
CA GLU A 106 15.42 2.31 13.60
C GLU A 106 15.00 1.07 12.83
N ASN A 107 14.69 1.23 11.54
CA ASN A 107 14.30 0.08 10.74
C ASN A 107 15.38 -1.00 10.76
N ALA A 108 16.65 -0.60 10.83
CA ALA A 108 17.72 -1.58 10.85
C ALA A 108 17.72 -2.36 12.15
N SER A 109 17.76 -1.67 13.29
CA SER A 109 17.74 -2.38 14.57
C SER A 109 16.50 -3.25 14.68
N MET A 110 15.39 -2.83 14.04
CA MET A 110 14.20 -3.66 14.03
C MET A 110 14.45 -4.96 13.28
N LYS A 111 15.08 -4.89 12.09
CA LYS A 111 15.39 -6.10 11.36
C LYS A 111 16.32 -7.01 12.18
N ILE A 112 17.26 -6.43 12.91
CA ILE A 112 18.19 -7.23 13.68
C ILE A 112 17.45 -8.01 14.77
N LYS A 113 16.57 -7.31 15.50
CA LYS A 113 15.81 -7.98 16.54
C LYS A 113 14.97 -9.10 15.96
N LYS A 114 14.27 -8.83 14.86
CA LYS A 114 13.48 -9.86 14.19
C LYS A 114 14.30 -11.12 13.96
N ARG A 115 15.50 -10.95 13.40
CA ARG A 115 16.40 -12.08 13.18
C ARG A 115 16.99 -12.54 14.51
N VAL A 116 17.00 -13.85 14.72
CA VAL A 116 17.49 -14.43 15.97
C VAL A 116 16.42 -14.31 17.06
N ASN C 6 -23.51 -24.23 29.97
CA ASN C 6 -24.91 -24.01 29.61
C ASN C 6 -25.01 -23.44 28.21
N LYS C 7 -25.55 -24.23 27.30
CA LYS C 7 -25.78 -23.78 25.93
C LYS C 7 -27.10 -23.05 25.77
N ALA C 8 -27.89 -22.91 26.85
CA ALA C 8 -29.06 -22.04 26.81
C ALA C 8 -28.67 -20.57 26.83
N GLN C 9 -27.44 -20.25 27.24
CA GLN C 9 -26.93 -18.89 27.12
C GLN C 9 -26.55 -18.55 25.68
N LYS C 10 -26.16 -19.57 24.90
CA LYS C 10 -25.95 -19.38 23.47
C LYS C 10 -27.27 -19.27 22.72
N ASN C 11 -28.28 -20.00 23.15
CA ASN C 11 -29.59 -19.91 22.51
C ASN C 11 -30.28 -18.59 22.85
N GLN C 12 -30.07 -18.08 24.06
CA GLN C 12 -30.63 -16.79 24.44
C GLN C 12 -29.88 -15.62 23.82
N SER C 13 -28.66 -15.85 23.32
CA SER C 13 -27.97 -14.83 22.55
C SER C 13 -28.55 -14.71 21.15
N LYS C 14 -29.00 -15.82 20.57
CA LYS C 14 -29.66 -15.76 19.27
C LYS C 14 -31.08 -15.23 19.39
N ARG C 15 -31.75 -15.49 20.52
CA ARG C 15 -33.06 -14.90 20.74
C ARG C 15 -32.93 -13.41 21.05
N ALA C 16 -31.94 -13.03 21.86
CA ALA C 16 -31.71 -11.62 22.13
C ALA C 16 -31.36 -10.87 20.85
N ARG C 17 -30.68 -11.53 19.92
CA ARG C 17 -30.31 -10.89 18.67
C ARG C 17 -31.50 -10.75 17.74
N SER C 18 -32.38 -11.75 17.70
CA SER C 18 -33.61 -11.65 16.93
C SER C 18 -34.44 -10.45 17.39
N ASP C 19 -34.80 -10.42 18.67
CA ASP C 19 -35.57 -9.29 19.20
C ASP C 19 -34.95 -7.97 18.76
N ALA C 20 -33.62 -7.91 18.72
CA ALA C 20 -32.94 -6.71 18.25
C ALA C 20 -33.25 -6.46 16.78
N LEU C 21 -33.16 -7.51 15.96
CA LEU C 21 -33.45 -7.35 14.54
C LEU C 21 -34.93 -7.03 14.31
N LEU C 22 -35.81 -7.67 15.07
CA LEU C 22 -37.25 -7.39 14.93
C LEU C 22 -37.56 -5.95 15.34
N TRP C 23 -36.94 -5.47 16.41
CA TRP C 23 -37.15 -4.09 16.82
C TRP C 23 -36.71 -3.12 15.74
N LEU C 24 -35.57 -3.39 15.10
CA LEU C 24 -35.11 -2.50 14.04
C LEU C 24 -36.08 -2.49 12.87
N ALA C 25 -36.54 -3.66 12.44
CA ALA C 25 -37.43 -3.72 11.30
C ALA C 25 -38.77 -3.05 11.59
N ALA C 26 -39.19 -3.05 12.86
CA ALA C 26 -40.49 -2.47 13.20
C ALA C 26 -40.43 -0.96 13.34
N ASN C 27 -39.32 -0.44 13.87
CA ASN C 27 -39.20 0.99 14.10
C ASN C 27 -38.55 1.73 12.95
N PHE C 28 -37.71 1.05 12.17
CA PHE C 28 -37.04 1.64 11.01
C PHE C 28 -37.21 0.68 9.85
N PRO C 29 -38.45 0.51 9.38
CA PRO C 29 -38.68 -0.49 8.31
C PRO C 29 -38.06 -0.08 6.99
N GLU C 30 -37.97 1.22 6.71
CA GLU C 30 -37.40 1.65 5.44
C GLU C 30 -35.97 1.16 5.26
N ALA C 31 -35.29 0.83 6.35
CA ALA C 31 -33.90 0.40 6.33
C ALA C 31 -33.71 -1.06 6.67
N PHE C 32 -34.45 -1.60 7.63
CA PHE C 32 -34.17 -2.92 8.15
C PHE C 32 -35.30 -3.93 7.95
N ASP C 33 -36.39 -3.54 7.29
CA ASP C 33 -37.47 -4.48 6.97
C ASP C 33 -37.18 -5.09 5.60
N ASN C 34 -36.49 -6.22 5.60
CA ASN C 34 -36.14 -6.85 4.34
C ASN C 34 -37.31 -7.60 3.71
N SER C 35 -38.50 -7.49 4.30
CA SER C 35 -39.71 -8.00 3.65
C SER C 35 -40.16 -7.06 2.54
N LEU C 36 -39.81 -5.76 2.65
CA LEU C 36 -40.14 -4.77 1.65
C LEU C 36 -39.05 -4.66 0.58
N ARG C 37 -37.94 -4.03 0.96
CA ARG C 37 -36.79 -3.86 0.09
C ARG C 37 -35.54 -3.91 0.96
N ILE C 38 -34.51 -4.55 0.44
CA ILE C 38 -33.18 -4.50 1.03
C ILE C 38 -32.36 -3.52 0.20
N ARG C 39 -31.79 -2.52 0.85
CA ARG C 39 -31.00 -1.48 0.21
C ARG C 39 -29.75 -1.17 1.01
N PRO C 40 -28.68 -0.72 0.35
CA PRO C 40 -27.48 -0.32 1.09
C PRO C 40 -27.79 0.73 2.15
N LEU C 41 -27.13 0.62 3.29
CA LEU C 41 -27.38 1.51 4.41
C LEU C 41 -26.36 2.64 4.47
N LYS C 42 -26.84 3.81 4.91
CA LYS C 42 -25.98 4.97 5.10
C LYS C 42 -24.70 4.59 5.83
N ILE C 43 -23.60 5.21 5.41
CA ILE C 43 -22.33 5.04 6.13
C ILE C 43 -22.42 5.79 7.45
N GLY C 44 -22.24 5.06 8.55
CA GLY C 44 -22.45 5.62 9.88
C GLY C 44 -23.85 5.45 10.39
N ILE C 45 -24.63 4.53 9.82
CA ILE C 45 -26.00 4.32 10.28
C ILE C 45 -25.99 3.91 11.75
N MET C 46 -24.95 3.23 12.20
CA MET C 46 -24.90 2.76 13.58
CA MET C 46 -24.93 2.75 13.58
C MET C 46 -24.97 3.91 14.57
N SER C 47 -24.39 5.05 14.22
CA SER C 47 -24.48 6.22 15.09
C SER C 47 -25.92 6.72 15.17
N ASP C 48 -26.62 6.72 14.03
CA ASP C 48 -28.02 7.14 14.02
C ASP C 48 -28.89 6.17 14.82
N ILE C 49 -28.55 4.89 14.81
CA ILE C 49 -29.35 3.90 15.53
C ILE C 49 -29.21 4.10 17.04
N LEU C 50 -27.99 4.33 17.51
CA LEU C 50 -27.76 4.45 18.94
C LEU C 50 -28.32 5.75 19.52
N GLN C 51 -28.75 6.69 18.68
CA GLN C 51 -29.50 7.84 19.19
C GLN C 51 -30.90 7.44 19.65
N HIS C 52 -31.35 6.23 19.32
CA HIS C 52 -32.62 5.68 19.79
C HIS C 52 -32.41 4.56 20.80
N ALA C 53 -31.21 4.45 21.38
CA ALA C 53 -30.92 3.35 22.30
C ALA C 53 -31.86 3.36 23.50
N GLU C 54 -32.33 4.54 23.91
CA GLU C 54 -33.23 4.60 25.06
C GLU C 54 -34.58 3.96 24.76
N LYS C 55 -35.12 4.23 23.56
CA LYS C 55 -36.40 3.65 23.19
C LYS C 55 -36.30 2.15 23.08
N ALA C 56 -35.11 1.65 22.73
CA ALA C 56 -34.88 0.22 22.64
C ALA C 56 -34.62 -0.39 24.01
N GLU C 57 -33.99 0.35 24.92
CA GLU C 57 -33.73 -0.19 26.25
C GLU C 57 -35.02 -0.39 27.02
N GLN C 58 -35.99 0.49 26.84
CA GLN C 58 -37.26 0.37 27.55
C GLN C 58 -38.02 -0.89 27.18
N VAL C 59 -37.62 -1.59 26.12
CA VAL C 59 -38.27 -2.83 25.72
C VAL C 59 -37.30 -4.02 25.74
N GLY C 60 -36.15 -3.86 26.39
CA GLY C 60 -35.22 -4.97 26.61
C GLY C 60 -34.09 -5.09 25.62
N VAL C 61 -34.02 -4.21 24.62
CA VAL C 61 -33.00 -4.32 23.57
C VAL C 61 -31.78 -3.52 23.98
N SER C 62 -30.64 -4.19 24.09
CA SER C 62 -29.41 -3.52 24.50
C SER C 62 -28.67 -2.98 23.28
N LYS C 63 -27.77 -2.03 23.54
CA LYS C 63 -26.93 -1.51 22.47
C LYS C 63 -26.12 -2.64 21.84
N SER C 64 -25.49 -3.47 22.67
CA SER C 64 -24.67 -4.55 22.14
C SER C 64 -25.46 -5.46 21.22
N LYS C 65 -26.77 -5.61 21.46
CA LYS C 65 -27.57 -6.45 20.58
C LYS C 65 -28.00 -5.70 19.33
N LEU C 66 -28.18 -4.38 19.39
CA LEU C 66 -28.42 -3.63 18.18
C LEU C 66 -27.20 -3.71 17.26
N ARG C 67 -26.00 -3.64 17.84
CA ARG C 67 -24.79 -3.78 17.04
C ARG C 67 -24.72 -5.19 16.44
N GLU C 68 -24.96 -6.20 17.28
CA GLU C 68 -24.90 -7.59 16.84
C GLU C 68 -25.93 -7.88 15.75
N ALA C 69 -26.99 -7.07 15.69
CA ALA C 69 -28.05 -7.26 14.71
C ALA C 69 -27.71 -6.61 13.38
N VAL C 70 -27.19 -5.37 13.42
CA VAL C 70 -26.73 -4.73 12.19
C VAL C 70 -25.62 -5.55 11.56
N VAL C 71 -24.78 -6.17 12.38
CA VAL C 71 -23.74 -7.05 11.87
C VAL C 71 -24.36 -8.22 11.12
N LEU C 72 -25.31 -8.91 11.76
CA LEU C 72 -25.99 -10.02 11.12
C LEU C 72 -26.72 -9.56 9.87
N PHE C 73 -27.37 -8.39 9.94
CA PHE C 73 -28.15 -7.89 8.80
C PHE C 73 -27.26 -7.62 7.59
N THR C 74 -26.06 -7.10 7.80
CA THR C 74 -25.22 -6.68 6.68
C THR C 74 -24.28 -7.78 6.20
N ARG C 75 -24.24 -8.93 6.86
CA ARG C 75 -23.47 -10.06 6.38
C ARG C 75 -24.33 -11.07 5.63
N ARG C 76 -25.63 -10.82 5.52
CA ARG C 76 -26.48 -11.66 4.70
C ARG C 76 -26.09 -11.53 3.24
N LEU C 77 -26.21 -12.63 2.50
CA LEU C 77 -25.82 -12.60 1.10
C LEU C 77 -26.68 -11.64 0.30
N ASP C 78 -27.95 -11.49 0.68
CA ASP C 78 -28.83 -10.59 -0.03
C ASP C 78 -28.42 -9.14 0.15
N TYR C 79 -27.89 -8.79 1.32
CA TYR C 79 -27.37 -7.44 1.49
C TYR C 79 -26.13 -7.26 0.65
N LEU C 80 -25.17 -8.18 0.77
CA LEU C 80 -23.96 -8.10 -0.02
C LEU C 80 -24.28 -8.02 -1.50
N ALA C 81 -25.41 -8.59 -1.92
CA ALA C 81 -25.79 -8.59 -3.32
C ALA C 81 -26.29 -7.24 -3.81
N CYS C 82 -26.75 -6.37 -2.91
CA CYS C 82 -27.26 -5.06 -3.30
C CYS C 82 -26.19 -3.98 -3.22
N LEU C 83 -24.96 -4.33 -2.85
CA LEU C 83 -23.84 -3.40 -2.82
C LEU C 83 -23.20 -3.32 -4.20
N LYS C 84 -23.93 -2.69 -5.12
CA LYS C 84 -23.46 -2.52 -6.49
C LYS C 84 -22.98 -1.08 -6.68
N ALA C 85 -22.04 -0.90 -7.59
CA ALA C 85 -21.42 0.40 -7.79
C ALA C 85 -22.49 1.46 -8.02
N ARG C 86 -22.43 2.52 -7.22
CA ARG C 86 -23.31 3.68 -7.35
C ARG C 86 -24.77 3.37 -7.04
N GLU C 87 -25.02 2.35 -6.23
CA GLU C 87 -26.35 2.16 -5.65
C GLU C 87 -26.54 3.13 -4.49
N VAL C 88 -27.78 3.52 -4.27
CA VAL C 88 -28.09 4.55 -3.30
C VAL C 88 -28.07 3.97 -1.89
N ARG C 89 -27.29 4.61 -1.01
CA ARG C 89 -27.33 4.34 0.42
C ARG C 89 -28.43 5.18 1.07
N ILE C 90 -29.13 4.60 2.03
CA ILE C 90 -30.29 5.22 2.64
C ILE C 90 -30.11 5.30 4.15
N ASP C 91 -30.72 6.32 4.74
CA ASP C 91 -30.70 6.50 6.19
C ASP C 91 -31.82 5.67 6.81
N LEU C 92 -32.12 5.91 8.09
CA LEU C 92 -33.12 5.12 8.80
C LEU C 92 -34.53 5.31 8.26
N HIS C 93 -34.75 6.32 7.41
CA HIS C 93 -36.08 6.62 6.89
C HIS C 93 -36.17 6.48 5.37
N GLY C 94 -35.22 5.76 4.76
CA GLY C 94 -35.26 5.51 3.33
C GLY C 94 -34.80 6.65 2.46
N ASN C 95 -34.24 7.72 3.03
CA ASN C 95 -33.84 8.88 2.25
C ASN C 95 -32.47 8.65 1.60
N PRO C 96 -32.30 9.04 0.34
CA PRO C 96 -30.98 8.94 -0.30
C PRO C 96 -29.99 9.94 0.29
N VAL C 97 -28.76 9.46 0.56
CA VAL C 97 -27.75 10.30 1.18
C VAL C 97 -26.39 10.17 0.52
N ALA C 98 -26.13 9.04 -0.15
CA ALA C 98 -24.82 8.81 -0.75
C ALA C 98 -24.91 7.65 -1.72
N GLU C 99 -23.76 7.30 -2.30
CA GLU C 99 -23.64 6.24 -3.29
C GLU C 99 -22.57 5.26 -2.88
N VAL C 100 -22.72 4.02 -3.36
CA VAL C 100 -21.74 2.96 -3.11
C VAL C 100 -20.54 3.17 -4.03
N THR C 101 -19.36 3.21 -3.45
CA THR C 101 -18.15 3.45 -4.23
C THR C 101 -17.70 2.17 -4.94
N GLU C 102 -16.88 2.34 -5.98
CA GLU C 102 -16.41 1.20 -6.74
C GLU C 102 -15.68 0.22 -5.85
N GLU C 103 -14.87 0.72 -4.92
CA GLU C 103 -14.15 -0.15 -4.00
C GLU C 103 -15.12 -0.95 -3.14
N GLU C 104 -16.12 -0.27 -2.58
CA GLU C 104 -17.07 -0.93 -1.69
C GLU C 104 -17.84 -2.02 -2.41
N ALA C 105 -18.15 -1.79 -3.70
CA ALA C 105 -18.88 -2.79 -4.47
C ALA C 105 -18.01 -4.01 -4.76
N GLU C 106 -16.72 -3.79 -5.02
CA GLU C 106 -15.84 -4.92 -5.30
C GLU C 106 -15.66 -5.80 -4.07
N ASN C 107 -15.40 -5.19 -2.92
CA ASN C 107 -15.25 -5.97 -1.69
C ASN C 107 -16.46 -6.84 -1.42
N ALA C 108 -17.66 -6.35 -1.77
CA ALA C 108 -18.87 -7.12 -1.54
C ALA C 108 -18.90 -8.36 -2.45
N SER C 109 -18.77 -8.16 -3.75
CA SER C 109 -18.76 -9.30 -4.66
C SER C 109 -17.62 -10.26 -4.33
N MET C 110 -16.52 -9.75 -3.78
CA MET C 110 -15.44 -10.62 -3.33
C MET C 110 -15.88 -11.48 -2.15
N LYS C 111 -16.57 -10.88 -1.17
CA LYS C 111 -17.04 -11.65 -0.02
C LYS C 111 -18.00 -12.76 -0.46
N ILE C 112 -18.84 -12.49 -1.46
CA ILE C 112 -19.84 -13.47 -1.87
C ILE C 112 -19.19 -14.70 -2.45
N LYS C 113 -18.17 -14.53 -3.30
CA LYS C 113 -17.45 -15.67 -3.86
C LYS C 113 -16.82 -16.49 -2.74
N LYS C 114 -16.24 -15.83 -1.74
CA LYS C 114 -15.67 -16.52 -0.60
C LYS C 114 -16.72 -17.39 0.09
N ARG C 115 -17.93 -16.88 0.24
CA ARG C 115 -19.01 -17.62 0.89
C ARG C 115 -19.61 -18.67 -0.05
N LYS E 7 -46.36 2.39 -10.93
CA LYS E 7 -45.90 3.07 -9.73
C LYS E 7 -47.05 3.31 -8.76
N ALA E 8 -46.72 3.72 -7.54
CA ALA E 8 -47.75 3.97 -6.53
C ALA E 8 -48.55 2.71 -6.27
N GLN E 9 -49.36 2.29 -7.25
CA GLN E 9 -50.05 1.01 -7.15
C GLN E 9 -49.07 -0.16 -7.08
N LYS E 10 -47.83 0.04 -7.52
CA LYS E 10 -46.82 -1.02 -7.43
C LYS E 10 -46.24 -1.10 -6.02
N ASN E 11 -45.86 0.05 -5.45
CA ASN E 11 -45.42 0.06 -4.06
C ASN E 11 -46.52 -0.39 -3.11
N GLN E 12 -47.78 -0.40 -3.56
CA GLN E 12 -48.86 -0.93 -2.75
C GLN E 12 -48.90 -2.45 -2.78
N SER E 13 -48.43 -3.07 -3.87
CA SER E 13 -48.37 -4.52 -3.95
C SER E 13 -47.30 -5.07 -3.02
N LYS E 14 -46.08 -4.52 -3.11
CA LYS E 14 -45.00 -5.00 -2.27
C LYS E 14 -45.20 -4.63 -0.80
N ARG E 15 -45.98 -3.57 -0.54
CA ARG E 15 -46.46 -3.33 0.82
C ARG E 15 -47.34 -4.48 1.29
N ALA E 16 -48.22 -4.96 0.40
CA ALA E 16 -49.10 -6.07 0.73
C ALA E 16 -48.36 -7.41 0.81
N ARG E 17 -47.16 -7.50 0.23
CA ARG E 17 -46.37 -8.72 0.29
C ARG E 17 -45.54 -8.81 1.56
N SER E 18 -45.03 -7.67 2.05
CA SER E 18 -44.40 -7.63 3.37
C SER E 18 -45.35 -8.16 4.44
N ASP E 19 -46.53 -7.54 4.54
CA ASP E 19 -47.52 -8.01 5.50
C ASP E 19 -47.71 -9.51 5.39
N ALA E 20 -47.70 -10.04 4.17
CA ALA E 20 -47.83 -11.48 3.99
C ALA E 20 -46.62 -12.21 4.56
N LEU E 21 -45.41 -11.73 4.24
CA LEU E 21 -44.20 -12.36 4.74
C LEU E 21 -44.05 -12.18 6.25
N LEU E 22 -44.41 -11.01 6.77
CA LEU E 22 -44.35 -10.79 8.22
C LEU E 22 -45.33 -11.69 8.96
N TRP E 23 -46.53 -11.87 8.40
CA TRP E 23 -47.48 -12.78 9.04
C TRP E 23 -46.91 -14.19 9.11
N LEU E 24 -46.25 -14.64 8.03
CA LEU E 24 -45.69 -15.98 8.03
C LEU E 24 -44.62 -16.14 9.11
N ALA E 25 -43.73 -15.16 9.21
CA ALA E 25 -42.66 -15.26 10.21
C ALA E 25 -43.22 -15.23 11.63
N ALA E 26 -44.38 -14.61 11.82
CA ALA E 26 -44.93 -14.48 13.17
C ALA E 26 -45.67 -15.74 13.62
N ASN E 27 -46.33 -16.43 12.69
CA ASN E 27 -47.09 -17.62 13.04
C ASN E 27 -46.33 -18.92 12.79
N PHE E 28 -45.36 -18.92 11.88
CA PHE E 28 -44.55 -20.09 11.60
C PHE E 28 -43.09 -19.65 11.58
N PRO E 29 -42.55 -19.25 12.72
CA PRO E 29 -41.18 -18.71 12.73
C PRO E 29 -40.13 -19.76 12.43
N GLU E 30 -40.37 -21.01 12.78
CA GLU E 30 -39.39 -22.06 12.53
C GLU E 30 -39.05 -22.16 11.05
N ALA E 31 -39.91 -21.63 10.17
CA ALA E 31 -39.73 -21.70 8.73
C ALA E 31 -39.41 -20.37 8.08
N PHE E 32 -40.01 -19.27 8.53
CA PHE E 32 -39.92 -18.00 7.82
C PHE E 32 -39.29 -16.87 8.62
N ASP E 33 -38.85 -17.11 9.85
CA ASP E 33 -38.14 -16.11 10.63
C ASP E 33 -36.65 -16.29 10.37
N ASN E 34 -36.14 -15.60 9.34
CA ASN E 34 -34.74 -15.73 8.96
C ASN E 34 -33.80 -14.89 9.82
N SER E 35 -34.33 -14.24 10.87
CA SER E 35 -33.45 -13.54 11.81
C SER E 35 -32.70 -14.54 12.68
N LEU E 36 -33.30 -15.71 12.92
CA LEU E 36 -32.61 -16.80 13.60
C LEU E 36 -31.74 -17.59 12.63
N ARG E 37 -32.36 -18.14 11.60
CA ARG E 37 -31.69 -19.05 10.66
C ARG E 37 -32.61 -19.27 9.48
N ILE E 38 -32.03 -19.70 8.36
CA ILE E 38 -32.78 -20.05 7.17
C ILE E 38 -32.50 -21.52 6.85
N ARG E 39 -33.55 -22.28 6.63
CA ARG E 39 -33.46 -23.71 6.34
C ARG E 39 -34.35 -24.06 5.16
N PRO E 40 -33.98 -25.08 4.38
CA PRO E 40 -34.83 -25.50 3.25
C PRO E 40 -36.23 -25.86 3.70
N LEU E 41 -37.21 -25.51 2.87
CA LEU E 41 -38.61 -25.75 3.19
C LEU E 41 -39.12 -27.02 2.52
N LYS E 42 -39.98 -27.73 3.24
CA LYS E 42 -40.61 -28.94 2.73
C LYS E 42 -41.14 -28.73 1.32
N ILE E 43 -41.01 -29.77 0.50
CA ILE E 43 -41.62 -29.77 -0.83
C ILE E 43 -43.14 -29.87 -0.63
N GLY E 44 -43.87 -28.89 -1.16
CA GLY E 44 -45.29 -28.81 -0.94
C GLY E 44 -45.68 -28.03 0.29
N ILE E 45 -44.78 -27.22 0.82
CA ILE E 45 -45.08 -26.40 1.98
C ILE E 45 -46.22 -25.44 1.67
N MET E 46 -46.36 -25.03 0.40
CA MET E 46 -47.36 -24.04 0.03
CA MET E 46 -47.35 -24.03 0.05
C MET E 46 -48.77 -24.52 0.34
N SER E 47 -49.02 -25.82 0.17
CA SER E 47 -50.34 -26.34 0.49
C SER E 47 -50.65 -26.23 1.97
N ASP E 48 -49.65 -26.50 2.81
CA ASP E 48 -49.84 -26.39 4.25
C ASP E 48 -50.12 -24.95 4.67
N ILE E 49 -49.47 -23.99 4.00
CA ILE E 49 -49.67 -22.59 4.36
C ILE E 49 -51.09 -22.16 4.02
N LEU E 50 -51.60 -22.58 2.86
CA LEU E 50 -52.93 -22.20 2.43
C LEU E 50 -54.03 -22.88 3.23
N GLN E 51 -53.70 -23.86 4.06
CA GLN E 51 -54.70 -24.38 4.99
C GLN E 51 -55.01 -23.40 6.10
N HIS E 52 -54.18 -22.35 6.26
CA HIS E 52 -54.45 -21.26 7.18
C HIS E 52 -54.78 -19.96 6.46
N ALA E 53 -55.13 -20.03 5.17
CA ALA E 53 -55.46 -18.82 4.44
C ALA E 53 -56.63 -18.09 5.08
N GLU E 54 -57.53 -18.84 5.71
CA GLU E 54 -58.69 -18.23 6.37
C GLU E 54 -58.27 -17.46 7.61
N LYS E 55 -57.34 -18.01 8.40
CA LYS E 55 -56.83 -17.27 9.55
C LYS E 55 -55.99 -16.06 9.13
N ALA E 56 -55.37 -16.11 7.95
CA ALA E 56 -54.56 -14.99 7.47
C ALA E 56 -55.42 -13.89 6.86
N GLU E 57 -56.54 -14.25 6.24
CA GLU E 57 -57.43 -13.24 5.66
C GLU E 57 -58.04 -12.36 6.75
N GLN E 58 -58.24 -12.92 7.95
CA GLN E 58 -58.79 -12.15 9.06
C GLN E 58 -57.90 -10.99 9.47
N VAL E 59 -56.65 -10.98 9.00
CA VAL E 59 -55.72 -9.88 9.27
C VAL E 59 -55.28 -9.20 7.98
N GLY E 60 -55.98 -9.45 6.87
CA GLY E 60 -55.79 -8.75 5.62
C GLY E 60 -54.90 -9.43 4.62
N VAL E 61 -54.32 -10.58 4.96
CA VAL E 61 -53.37 -11.25 4.08
C VAL E 61 -54.14 -12.22 3.19
N SER E 62 -54.02 -12.02 1.89
CA SER E 62 -54.71 -12.86 0.92
C SER E 62 -53.83 -14.04 0.51
N LYS E 63 -54.49 -15.06 -0.06
CA LYS E 63 -53.75 -16.21 -0.58
C LYS E 63 -52.72 -15.79 -1.61
N SER E 64 -53.14 -14.95 -2.58
CA SER E 64 -52.23 -14.52 -3.63
C SER E 64 -50.99 -13.84 -3.06
N LYS E 65 -51.11 -13.17 -1.91
CA LYS E 65 -49.95 -12.53 -1.31
C LYS E 65 -49.12 -13.51 -0.49
N LEU E 66 -49.73 -14.55 0.06
CA LEU E 66 -48.93 -15.61 0.68
C LEU E 66 -48.07 -16.30 -0.38
N ARG E 67 -48.63 -16.52 -1.57
CA ARG E 67 -47.84 -17.11 -2.63
C ARG E 67 -46.71 -16.17 -3.03
N GLU E 68 -47.03 -14.88 -3.20
CA GLU E 68 -46.04 -13.89 -3.59
C GLU E 68 -44.95 -13.73 -2.53
N ALA E 69 -45.24 -14.07 -1.28
CA ALA E 69 -44.27 -13.93 -0.19
C ALA E 69 -43.34 -15.12 -0.14
N VAL E 70 -43.88 -16.33 -0.27
CA VAL E 70 -43.04 -17.52 -0.34
C VAL E 70 -42.10 -17.43 -1.54
N VAL E 71 -42.55 -16.80 -2.63
CA VAL E 71 -41.68 -16.63 -3.79
C VAL E 71 -40.50 -15.75 -3.44
N LEU E 72 -40.77 -14.57 -2.85
CA LEU E 72 -39.69 -13.69 -2.44
C LEU E 72 -38.75 -14.36 -1.46
N PHE E 73 -39.30 -15.08 -0.47
CA PHE E 73 -38.47 -15.70 0.55
C PHE E 73 -37.54 -16.74 -0.05
N THR E 74 -38.00 -17.47 -1.06
CA THR E 74 -37.26 -18.58 -1.65
C THR E 74 -36.43 -18.18 -2.86
N ARG E 75 -36.47 -16.92 -3.28
CA ARG E 75 -35.58 -16.42 -4.32
C ARG E 75 -34.44 -15.59 -3.76
N ARG E 76 -34.46 -15.29 -2.47
CA ARG E 76 -33.35 -14.60 -1.85
C ARG E 76 -32.11 -15.49 -1.88
N LEU E 77 -30.94 -14.86 -1.99
CA LEU E 77 -29.69 -15.62 -2.07
C LEU E 77 -29.42 -16.42 -0.81
N ASP E 78 -29.87 -15.94 0.35
CA ASP E 78 -29.62 -16.69 1.58
C ASP E 78 -30.36 -18.03 1.56
N TYR E 79 -31.57 -18.06 0.98
CA TYR E 79 -32.28 -19.32 0.85
C TYR E 79 -31.60 -20.24 -0.16
N LEU E 80 -31.33 -19.73 -1.36
CA LEU E 80 -30.66 -20.55 -2.36
C LEU E 80 -29.35 -21.12 -1.82
N ALA E 81 -28.70 -20.40 -0.89
CA ALA E 81 -27.42 -20.83 -0.37
C ALA E 81 -27.52 -22.01 0.59
N CYS E 82 -28.69 -22.24 1.18
CA CYS E 82 -28.85 -23.33 2.13
C CYS E 82 -29.43 -24.59 1.49
N LEU E 83 -29.66 -24.61 0.18
CA LEU E 83 -30.14 -25.80 -0.51
C LEU E 83 -28.95 -26.68 -0.91
N LYS E 84 -28.33 -27.26 0.12
CA LYS E 84 -27.15 -28.09 -0.07
C LYS E 84 -27.52 -29.57 0.00
N ALA E 85 -26.75 -30.39 -0.68
CA ALA E 85 -27.06 -31.81 -0.80
C ALA E 85 -27.25 -32.45 0.57
N ARG E 86 -28.40 -33.09 0.75
CA ARG E 86 -28.78 -33.82 1.96
C ARG E 86 -28.96 -32.92 3.18
N GLU E 87 -29.22 -31.64 2.97
CA GLU E 87 -29.69 -30.80 4.07
C GLU E 87 -31.16 -31.04 4.32
N VAL E 88 -31.57 -30.86 5.56
CA VAL E 88 -32.90 -31.24 5.99
C VAL E 88 -33.90 -30.18 5.53
N ARG E 89 -34.94 -30.62 4.83
CA ARG E 89 -36.10 -29.79 4.57
C ARG E 89 -37.05 -29.92 5.77
N ILE E 90 -37.63 -28.81 6.19
CA ILE E 90 -38.42 -28.77 7.41
C ILE E 90 -39.81 -28.23 7.12
N ASP E 91 -40.78 -28.72 7.89
CA ASP E 91 -42.16 -28.28 7.73
C ASP E 91 -42.36 -26.98 8.51
N LEU E 92 -43.61 -26.57 8.67
CA LEU E 92 -43.89 -25.29 9.31
C LEU E 92 -43.48 -25.25 10.79
N HIS E 93 -43.12 -26.39 11.38
CA HIS E 93 -42.80 -26.47 12.80
C HIS E 93 -41.36 -26.87 13.06
N GLY E 94 -40.50 -26.78 12.04
CA GLY E 94 -39.09 -27.10 12.22
C GLY E 94 -38.74 -28.57 12.26
N ASN E 95 -39.70 -29.43 12.00
CA ASN E 95 -39.46 -30.87 12.07
C ASN E 95 -38.82 -31.37 10.78
N PRO E 96 -37.85 -32.30 10.86
CA PRO E 96 -37.29 -32.90 9.64
C PRO E 96 -38.33 -33.78 8.94
N VAL E 97 -38.44 -33.62 7.62
CA VAL E 97 -39.45 -34.36 6.86
C VAL E 97 -38.89 -34.92 5.55
N ALA E 98 -37.81 -34.32 5.04
CA ALA E 98 -37.21 -34.78 3.79
C ALA E 98 -35.84 -34.15 3.66
N GLU E 99 -35.15 -34.49 2.56
CA GLU E 99 -33.81 -34.00 2.30
C GLU E 99 -33.71 -33.41 0.91
N VAL E 100 -32.76 -32.50 0.74
CA VAL E 100 -32.50 -31.86 -0.54
C VAL E 100 -31.72 -32.84 -1.42
N THR E 101 -32.22 -33.06 -2.64
CA THR E 101 -31.56 -33.97 -3.56
C THR E 101 -30.36 -33.30 -4.22
N GLU E 102 -29.45 -34.13 -4.74
CA GLU E 102 -28.24 -33.60 -5.37
C GLU E 102 -28.59 -32.67 -6.54
N GLU E 103 -29.60 -33.04 -7.33
CA GLU E 103 -29.98 -32.19 -8.46
C GLU E 103 -30.46 -30.83 -7.98
N GLU E 104 -31.31 -30.81 -6.96
CA GLU E 104 -31.85 -29.55 -6.45
C GLU E 104 -30.73 -28.67 -5.93
N ALA E 105 -29.70 -29.27 -5.32
CA ALA E 105 -28.57 -28.47 -4.85
C ALA E 105 -27.79 -27.91 -6.03
N GLU E 106 -27.66 -28.68 -7.12
CA GLU E 106 -26.96 -28.20 -8.30
C GLU E 106 -27.71 -27.05 -8.95
N ASN E 107 -29.03 -27.21 -9.13
CA ASN E 107 -29.83 -26.12 -9.67
C ASN E 107 -29.72 -24.87 -8.81
N ALA E 108 -29.56 -25.05 -7.49
CA ALA E 108 -29.45 -23.90 -6.60
C ALA E 108 -28.15 -23.13 -6.83
N SER E 109 -27.02 -23.83 -6.77
CA SER E 109 -25.74 -23.17 -7.02
C SER E 109 -25.68 -22.58 -8.42
N MET E 110 -26.38 -23.19 -9.37
CA MET E 110 -26.46 -22.63 -10.72
C MET E 110 -27.21 -21.30 -10.71
N LYS E 111 -28.34 -21.22 -10.00
CA LYS E 111 -29.09 -19.97 -9.93
C LYS E 111 -28.24 -18.85 -9.32
N ILE E 112 -27.43 -19.19 -8.31
CA ILE E 112 -26.64 -18.17 -7.63
C ILE E 112 -25.61 -17.55 -8.57
N LYS E 113 -24.87 -18.39 -9.30
CA LYS E 113 -23.89 -17.89 -10.26
C LYS E 113 -24.54 -16.92 -11.24
N LYS E 114 -25.67 -17.34 -11.83
CA LYS E 114 -26.42 -16.45 -12.72
C LYS E 114 -26.70 -15.11 -12.06
N ARG E 115 -26.96 -15.12 -10.75
CA ARG E 115 -27.19 -13.89 -10.00
C ARG E 115 -25.86 -13.28 -9.53
N LEU G 3 48.43 9.76 17.73
CA LEU G 3 49.11 11.04 17.53
C LEU G 3 49.56 11.21 16.09
N GLY G 4 48.76 10.73 15.14
CA GLY G 4 49.19 10.71 13.76
C GLY G 4 50.28 9.68 13.46
N SER G 5 51.34 9.67 14.28
CA SER G 5 52.33 8.61 14.19
C SER G 5 51.88 7.36 14.92
N ASN G 6 51.12 7.51 16.00
CA ASN G 6 50.49 6.40 16.71
C ASN G 6 49.14 6.02 16.12
N LYS G 7 48.65 6.76 15.13
CA LYS G 7 47.45 6.40 14.40
C LYS G 7 47.73 5.98 12.96
N ALA G 8 48.90 6.33 12.42
CA ALA G 8 49.31 5.80 11.13
C ALA G 8 49.69 4.33 11.23
N GLN G 9 50.13 3.90 12.41
CA GLN G 9 50.46 2.49 12.61
C GLN G 9 49.26 1.67 13.06
N LYS G 10 48.22 2.30 13.61
CA LYS G 10 46.98 1.58 13.83
C LYS G 10 46.28 1.28 12.50
N ASN G 11 46.50 2.12 11.49
CA ASN G 11 45.91 1.86 10.18
C ASN G 11 46.61 0.72 9.44
N GLN G 12 47.87 0.45 9.76
CA GLN G 12 48.59 -0.64 9.11
C GLN G 12 48.42 -1.98 9.81
N SER G 13 47.98 -1.99 11.06
CA SER G 13 47.59 -3.24 11.72
C SER G 13 46.22 -3.70 11.26
N LYS G 14 45.31 -2.76 10.98
CA LYS G 14 44.05 -3.12 10.35
C LYS G 14 44.26 -3.65 8.95
N ARG G 15 45.17 -3.02 8.19
CA ARG G 15 45.40 -3.44 6.81
C ARG G 15 46.19 -4.74 6.74
N ALA G 16 47.00 -5.04 7.76
CA ALA G 16 47.68 -6.33 7.81
C ALA G 16 46.71 -7.43 8.23
N ARG G 17 45.79 -7.12 9.15
CA ARG G 17 44.77 -8.07 9.53
C ARG G 17 43.89 -8.42 8.35
N SER G 18 43.76 -7.52 7.38
CA SER G 18 43.02 -7.82 6.16
C SER G 18 43.73 -8.88 5.33
N ASP G 19 44.98 -8.61 4.95
CA ASP G 19 45.74 -9.57 4.16
C ASP G 19 45.65 -10.96 4.78
N ALA G 20 45.65 -11.05 6.10
CA ALA G 20 45.54 -12.34 6.77
C ALA G 20 44.18 -12.96 6.50
N LEU G 21 43.10 -12.19 6.68
CA LEU G 21 41.76 -12.73 6.45
C LEU G 21 41.52 -13.04 4.98
N LEU G 22 42.00 -12.16 4.09
CA LEU G 22 41.86 -12.43 2.66
C LEU G 22 42.64 -13.68 2.26
N TRP G 23 43.84 -13.84 2.81
CA TRP G 23 44.61 -15.04 2.52
C TRP G 23 43.84 -16.28 2.96
N LEU G 24 43.19 -16.23 4.13
CA LEU G 24 42.42 -17.37 4.60
C LEU G 24 41.27 -17.67 3.65
N ALA G 25 40.54 -16.63 3.23
CA ALA G 25 39.41 -16.83 2.33
C ALA G 25 39.86 -17.35 0.97
N ALA G 26 41.08 -17.02 0.55
CA ALA G 26 41.56 -17.43 -0.77
C ALA G 26 42.09 -18.86 -0.77
N ASN G 27 42.70 -19.29 0.34
CA ASN G 27 43.25 -20.64 0.44
C ASN G 27 42.31 -21.62 1.09
N PHE G 28 41.42 -21.16 1.96
CA PHE G 28 40.45 -22.04 2.64
C PHE G 28 39.07 -21.40 2.54
N PRO G 29 38.52 -21.34 1.33
CA PRO G 29 37.24 -20.64 1.16
C PRO G 29 36.07 -21.35 1.82
N GLU G 30 36.11 -22.69 1.90
CA GLU G 30 35.01 -23.42 2.54
C GLU G 30 34.80 -22.99 3.98
N ALA G 31 35.79 -22.35 4.60
CA ALA G 31 35.70 -21.94 6.00
C ALA G 31 35.61 -20.43 6.18
N PHE G 32 36.35 -19.65 5.40
CA PHE G 32 36.47 -18.22 5.63
C PHE G 32 35.98 -17.36 4.48
N ASP G 33 35.46 -17.96 3.42
CA ASP G 33 34.86 -17.19 2.32
C ASP G 33 33.39 -17.03 2.65
N ASN G 34 33.05 -15.96 3.37
CA ASN G 34 31.67 -15.76 3.78
C ASN G 34 30.80 -15.21 2.66
N SER G 35 31.34 -15.05 1.46
CA SER G 35 30.52 -14.72 0.31
C SER G 35 29.72 -15.93 -0.15
N LEU G 36 30.23 -17.12 0.16
CA LEU G 36 29.58 -18.39 -0.20
C LEU G 36 28.69 -18.85 0.96
N ARG G 37 29.32 -19.22 2.08
CA ARG G 37 28.61 -19.71 3.25
C ARG G 37 29.48 -19.48 4.48
N ILE G 38 28.85 -18.99 5.55
CA ILE G 38 29.47 -18.97 6.87
C ILE G 38 28.97 -20.17 7.65
N ARG G 39 29.90 -20.96 8.18
CA ARG G 39 29.58 -22.16 8.93
C ARG G 39 30.45 -22.22 10.17
N PRO G 40 29.96 -22.84 11.25
CA PRO G 40 30.78 -22.99 12.45
C PRO G 40 32.11 -23.68 12.13
N LEU G 41 33.17 -23.23 12.79
CA LEU G 41 34.51 -23.72 12.55
C LEU G 41 34.92 -24.78 13.58
N LYS G 42 35.73 -25.73 13.12
CA LYS G 42 36.27 -26.76 14.00
C LYS G 42 36.77 -26.15 15.31
N ILE G 43 36.56 -26.89 16.40
CA ILE G 43 37.17 -26.53 17.67
C ILE G 43 38.66 -26.86 17.56
N GLY G 44 39.51 -25.84 17.72
CA GLY G 44 40.93 -26.00 17.50
C GLY G 44 41.36 -25.75 16.08
N ILE G 45 40.54 -25.05 15.29
CA ILE G 45 40.90 -24.76 13.90
C ILE G 45 42.19 -23.94 13.84
N MET G 46 42.47 -23.14 14.88
CA MET G 46 43.65 -22.29 14.86
CA MET G 46 43.65 -22.29 14.83
C MET G 46 44.93 -23.11 14.70
N SER G 47 44.94 -24.33 15.24
CA SER G 47 46.13 -25.17 15.11
C SER G 47 46.33 -25.64 13.68
N ASP G 48 45.23 -26.01 13.00
CA ASP G 48 45.33 -26.42 11.61
C ASP G 48 45.81 -25.26 10.72
N ILE G 49 45.41 -24.04 11.07
CA ILE G 49 45.82 -22.89 10.27
C ILE G 49 47.32 -22.64 10.44
N LEU G 50 47.83 -22.75 11.67
CA LEU G 50 49.23 -22.50 11.91
C LEU G 50 50.14 -23.59 11.35
N GLN G 51 49.58 -24.74 10.95
CA GLN G 51 50.38 -25.70 10.21
C GLN G 51 50.66 -25.23 8.79
N HIS G 52 49.96 -24.18 8.33
CA HIS G 52 50.24 -23.57 7.05
C HIS G 52 50.88 -22.19 7.21
N ALA G 53 51.38 -21.89 8.41
CA ALA G 53 51.97 -20.57 8.65
C ALA G 53 53.16 -20.31 7.74
N GLU G 54 53.88 -21.36 7.36
CA GLU G 54 55.05 -21.18 6.50
C GLU G 54 54.63 -20.71 5.10
N LYS G 55 53.55 -21.27 4.57
CA LYS G 55 53.05 -20.83 3.26
C LYS G 55 52.54 -19.40 3.32
N ALA G 56 52.03 -18.97 4.48
CA ALA G 56 51.54 -17.61 4.65
C ALA G 56 52.65 -16.63 4.96
N GLU G 57 53.71 -17.07 5.66
CA GLU G 57 54.81 -16.17 5.98
C GLU G 57 55.56 -15.74 4.72
N GLN G 58 55.61 -16.60 3.70
CA GLN G 58 56.25 -16.27 2.45
C GLN G 58 55.56 -15.13 1.71
N VAL G 59 54.34 -14.74 2.11
CA VAL G 59 53.61 -13.67 1.47
C VAL G 59 53.33 -12.50 2.43
N GLY G 60 54.03 -12.45 3.56
CA GLY G 60 53.97 -11.31 4.46
C GLY G 60 52.98 -11.43 5.59
N VAL G 61 52.22 -12.52 5.64
CA VAL G 61 51.18 -12.69 6.64
C VAL G 61 51.80 -13.42 7.83
N SER G 62 51.78 -12.77 8.99
CA SER G 62 52.36 -13.34 10.19
C SER G 62 51.35 -14.20 10.93
N LYS G 63 51.88 -15.07 11.81
CA LYS G 63 51.01 -15.87 12.67
C LYS G 63 50.13 -14.98 13.52
N SER G 64 50.71 -13.96 14.15
CA SER G 64 49.94 -13.08 15.01
C SER G 64 48.77 -12.44 14.26
N LYS G 65 48.93 -12.20 12.96
CA LYS G 65 47.84 -11.60 12.18
C LYS G 65 46.83 -12.65 11.75
N LEU G 66 47.26 -13.91 11.57
CA LEU G 66 46.29 -14.97 11.35
C LEU G 66 45.42 -15.15 12.58
N ARG G 67 46.02 -15.06 13.78
CA ARG G 67 45.22 -15.12 14.99
C ARG G 67 44.28 -13.92 15.08
N GLU G 68 44.82 -12.73 14.83
CA GLU G 68 44.02 -11.52 14.89
C GLU G 68 42.91 -11.53 13.84
N ALA G 69 43.06 -12.33 12.79
CA ALA G 69 42.06 -12.39 11.73
C ALA G 69 40.92 -13.35 12.06
N VAL G 70 41.25 -14.53 12.58
CA VAL G 70 40.21 -15.45 13.01
C VAL G 70 39.35 -14.81 14.08
N VAL G 71 39.95 -13.98 14.93
CA VAL G 71 39.19 -13.27 15.95
C VAL G 71 38.16 -12.38 15.29
N LEU G 72 38.59 -11.57 14.32
CA LEU G 72 37.66 -10.69 13.62
C LEU G 72 36.55 -11.47 12.95
N PHE G 73 36.89 -12.58 12.28
CA PHE G 73 35.89 -13.34 11.55
C PHE G 73 34.85 -13.93 12.48
N THR G 74 35.26 -14.38 13.67
CA THR G 74 34.37 -15.11 14.56
C THR G 74 33.65 -14.23 15.56
N ARG G 75 34.11 -13.01 15.77
CA ARG G 75 33.35 -12.05 16.56
C ARG G 75 32.35 -11.27 15.72
N ARG G 76 32.20 -11.62 14.45
CA ARG G 76 31.16 -11.04 13.62
C ARG G 76 29.79 -11.54 14.06
N LEU G 77 28.79 -10.69 13.92
CA LEU G 77 27.44 -11.09 14.30
C LEU G 77 26.93 -12.23 13.44
N ASP G 78 27.32 -12.26 12.16
CA ASP G 78 26.84 -13.32 11.28
C ASP G 78 27.39 -14.67 11.70
N TYR G 79 28.63 -14.71 12.19
CA TYR G 79 29.17 -15.96 12.71
C TYR G 79 28.46 -16.36 13.99
N LEU G 80 28.34 -15.43 14.94
CA LEU G 80 27.62 -15.72 16.17
C LEU G 80 26.20 -16.20 15.89
N ALA G 81 25.62 -15.77 14.76
CA ALA G 81 24.25 -16.14 14.44
C ALA G 81 24.14 -17.58 13.94
N CYS G 82 25.22 -18.18 13.47
CA CYS G 82 25.19 -19.55 12.96
C CYS G 82 25.59 -20.59 13.99
N LEU G 83 25.90 -20.19 15.23
CA LEU G 83 26.25 -21.14 16.29
C LEU G 83 24.97 -21.62 16.98
N LYS G 84 24.24 -22.46 16.26
CA LYS G 84 23.00 -23.04 16.74
C LYS G 84 23.25 -24.47 17.19
N ALA G 85 22.43 -24.93 18.13
CA ALA G 85 22.63 -26.25 18.72
C ALA G 85 22.71 -27.33 17.63
N ARG G 86 23.79 -28.10 17.66
CA ARG G 86 24.00 -29.22 16.74
C ARG G 86 24.16 -28.77 15.30
N GLU G 87 24.63 -27.54 15.07
CA GLU G 87 25.08 -27.15 13.76
C GLU G 87 26.43 -27.78 13.46
N VAL G 88 26.67 -28.06 12.19
CA VAL G 88 27.86 -28.80 11.80
C VAL G 88 29.05 -27.85 11.79
N ARG G 89 30.10 -28.22 12.51
CA ARG G 89 31.39 -27.54 12.42
C ARG G 89 32.19 -28.13 11.27
N ILE G 90 32.91 -27.27 10.54
CA ILE G 90 33.63 -27.67 9.36
C ILE G 90 35.10 -27.28 9.52
N ASP G 91 35.99 -28.09 8.94
CA ASP G 91 37.41 -27.82 8.95
C ASP G 91 37.75 -26.91 7.77
N LEU G 92 39.05 -26.78 7.48
CA LEU G 92 39.46 -25.87 6.42
C LEU G 92 39.00 -26.28 5.03
N HIS G 93 38.47 -27.50 4.87
CA HIS G 93 38.06 -28.00 3.56
C HIS G 93 36.56 -28.27 3.48
N GLY G 94 35.78 -27.74 4.41
CA GLY G 94 34.34 -27.89 4.38
C GLY G 94 33.80 -29.22 4.86
N ASN G 95 34.65 -30.09 5.40
CA ASN G 95 34.19 -31.41 5.84
C ASN G 95 33.57 -31.32 7.23
N PRO G 96 32.47 -32.03 7.48
CA PRO G 96 31.90 -32.03 8.84
C PRO G 96 32.85 -32.68 9.83
N VAL G 97 32.99 -32.05 11.00
CA VAL G 97 33.98 -32.50 11.97
C VAL G 97 33.43 -32.56 13.39
N ALA G 98 32.40 -31.78 13.69
CA ALA G 98 31.84 -31.76 15.04
C ALA G 98 30.51 -31.02 15.00
N GLU G 99 29.89 -30.93 16.17
CA GLU G 99 28.61 -30.26 16.32
C GLU G 99 28.69 -29.27 17.47
N VAL G 100 27.87 -28.23 17.39
CA VAL G 100 27.77 -27.22 18.45
C VAL G 100 26.91 -27.76 19.57
N THR G 101 27.44 -27.71 20.80
CA THR G 101 26.71 -28.20 21.96
C THR G 101 25.69 -27.17 22.43
N GLU G 102 24.72 -27.64 23.22
CA GLU G 102 23.69 -26.73 23.72
C GLU G 102 24.31 -25.55 24.46
N GLU G 103 25.33 -25.82 25.28
CA GLU G 103 25.98 -24.74 26.02
C GLU G 103 26.64 -23.74 25.09
N GLU G 104 27.36 -24.24 24.08
CA GLU G 104 28.04 -23.35 23.15
C GLU G 104 27.05 -22.46 22.40
N ALA G 105 25.86 -22.99 22.10
CA ALA G 105 24.85 -22.19 21.42
C ALA G 105 24.28 -21.12 22.34
N GLU G 106 24.15 -21.43 23.63
CA GLU G 106 23.61 -20.46 24.58
C GLU G 106 24.53 -19.27 24.76
N ASN G 107 25.84 -19.52 24.95
CA ASN G 107 26.78 -18.42 25.05
C ASN G 107 26.75 -17.54 23.81
N ALA G 108 26.49 -18.14 22.64
CA ALA G 108 26.48 -17.35 21.40
C ALA G 108 25.29 -16.40 21.39
N SER G 109 24.08 -16.91 21.56
CA SER G 109 22.90 -16.04 21.57
C SER G 109 23.00 -14.99 22.67
N MET G 110 23.68 -15.31 23.77
CA MET G 110 23.89 -14.32 24.83
C MET G 110 24.77 -13.16 24.33
N LYS G 111 25.85 -13.48 23.61
CA LYS G 111 26.72 -12.43 23.10
C LYS G 111 25.98 -11.51 22.15
N ILE G 112 25.09 -12.07 21.32
CA ILE G 112 24.37 -11.26 20.34
C ILE G 112 23.46 -10.26 21.02
N LYS G 113 22.73 -10.71 22.05
CA LYS G 113 21.81 -9.82 22.75
C LYS G 113 22.54 -8.63 23.35
N LYS G 114 23.77 -8.84 23.81
CA LYS G 114 24.55 -7.74 24.34
C LYS G 114 24.93 -6.76 23.25
N ARG G 115 25.32 -7.27 22.07
CA ARG G 115 25.86 -6.40 21.02
C ARG G 115 24.80 -5.51 20.41
N VAL G 116 23.56 -5.99 20.31
CA VAL G 116 22.46 -5.15 19.83
C VAL G 116 21.72 -4.59 21.05
N GLU G 117 22.33 -3.59 21.70
CA GLU G 117 21.81 -3.02 22.94
C GLU G 117 21.87 -4.03 24.09
N GLN I 12 -9.68 -6.75 -22.95
CA GLN I 12 -10.89 -6.48 -23.70
C GLN I 12 -11.91 -5.72 -22.85
N SER I 13 -11.88 -5.94 -21.53
CA SER I 13 -12.85 -5.30 -20.66
C SER I 13 -12.80 -3.78 -20.80
N LYS I 14 -11.64 -3.23 -21.16
CA LYS I 14 -11.51 -1.78 -21.30
C LYS I 14 -12.28 -1.27 -22.51
N ARG I 15 -12.35 -2.05 -23.59
CA ARG I 15 -13.07 -1.61 -24.78
C ARG I 15 -14.58 -1.74 -24.63
N ALA I 16 -15.05 -2.69 -23.80
CA ALA I 16 -16.47 -2.79 -23.54
C ALA I 16 -16.97 -1.66 -22.65
N ARG I 17 -16.12 -1.19 -21.74
CA ARG I 17 -16.47 -0.01 -20.94
C ARG I 17 -16.53 1.23 -21.81
N SER I 18 -15.63 1.34 -22.78
CA SER I 18 -15.67 2.44 -23.74
C SER I 18 -17.04 2.54 -24.39
N ASP I 19 -17.48 1.45 -25.04
CA ASP I 19 -18.79 1.43 -25.67
C ASP I 19 -19.89 1.91 -24.71
N ALA I 20 -19.78 1.54 -23.43
CA ALA I 20 -20.79 1.94 -22.47
C ALA I 20 -20.82 3.44 -22.28
N LEU I 21 -19.64 4.06 -22.08
CA LEU I 21 -19.61 5.50 -21.87
C LEU I 21 -20.05 6.25 -23.12
N LEU I 22 -19.66 5.74 -24.30
CA LEU I 22 -20.11 6.35 -25.55
C LEU I 22 -21.62 6.23 -25.70
N TRP I 23 -22.18 5.08 -25.30
CA TRP I 23 -23.62 4.88 -25.35
C TRP I 23 -24.34 5.91 -24.46
N LEU I 24 -23.80 6.16 -23.26
CA LEU I 24 -24.42 7.15 -22.37
C LEU I 24 -24.35 8.54 -22.98
N ALA I 25 -23.20 8.91 -23.54
CA ALA I 25 -23.05 10.23 -24.14
C ALA I 25 -23.97 10.39 -25.35
N ALA I 26 -24.30 9.28 -26.01
CA ALA I 26 -25.11 9.35 -27.22
C ALA I 26 -26.59 9.42 -26.92
N ASN I 27 -27.04 8.75 -25.86
CA ASN I 27 -28.46 8.73 -25.51
C ASN I 27 -28.83 9.77 -24.46
N PHE I 28 -27.90 10.15 -23.60
CA PHE I 28 -28.14 11.13 -22.55
C PHE I 28 -27.01 12.15 -22.59
N PRO I 29 -26.94 12.97 -23.63
CA PRO I 29 -25.81 13.90 -23.75
C PRO I 29 -25.82 14.99 -22.70
N GLU I 30 -26.99 15.40 -22.22
CA GLU I 30 -27.04 16.43 -21.19
C GLU I 30 -26.28 16.01 -19.93
N ALA I 31 -26.07 14.72 -19.73
CA ALA I 31 -25.40 14.21 -18.54
C ALA I 31 -24.02 13.66 -18.80
N PHE I 32 -23.82 12.95 -19.91
CA PHE I 32 -22.59 12.21 -20.14
C PHE I 32 -21.82 12.66 -21.38
N ASP I 33 -22.26 13.72 -22.04
CA ASP I 33 -21.52 14.28 -23.18
C ASP I 33 -20.56 15.31 -22.60
N ASN I 34 -19.36 14.86 -22.24
CA ASN I 34 -18.36 15.70 -21.60
C ASN I 34 -17.62 16.58 -22.60
N SER I 35 -18.06 16.62 -23.86
CA SER I 35 -17.46 17.53 -24.83
C SER I 35 -17.79 18.99 -24.55
N LEU I 36 -18.54 19.27 -23.48
CA LEU I 36 -18.77 20.66 -23.08
C LEU I 36 -18.73 20.84 -21.57
N ARG I 37 -19.88 20.72 -20.91
CA ARG I 37 -20.03 21.06 -19.50
C ARG I 37 -20.37 19.81 -18.72
N ILE I 38 -19.44 19.40 -17.85
CA ILE I 38 -19.71 18.37 -16.87
C ILE I 38 -20.43 19.02 -15.69
N ARG I 39 -21.53 18.40 -15.26
CA ARG I 39 -22.36 18.92 -14.19
C ARG I 39 -22.64 17.83 -13.17
N PRO I 40 -22.85 18.19 -11.91
CA PRO I 40 -23.16 17.17 -10.91
C PRO I 40 -24.39 16.37 -11.30
N LEU I 41 -24.34 15.07 -11.02
CA LEU I 41 -25.42 14.15 -11.37
C LEU I 41 -26.29 13.86 -10.16
N LYS I 42 -27.58 13.67 -10.41
CA LYS I 42 -28.53 13.28 -9.37
C LYS I 42 -27.95 12.16 -8.52
N ILE I 43 -28.21 12.22 -7.22
CA ILE I 43 -27.85 11.10 -6.33
C ILE I 43 -28.79 9.94 -6.65
N GLY I 44 -28.20 8.82 -7.06
CA GLY I 44 -28.98 7.71 -7.58
C GLY I 44 -29.19 7.75 -9.08
N ILE I 45 -28.35 8.48 -9.80
CA ILE I 45 -28.47 8.54 -11.25
C ILE I 45 -28.31 7.14 -11.83
N MET I 46 -27.54 6.29 -11.17
CA MET I 46 -27.35 4.91 -11.64
CA MET I 46 -27.35 4.93 -11.67
C MET I 46 -28.69 4.21 -11.83
N SER I 47 -29.62 4.44 -10.91
CA SER I 47 -30.92 3.78 -11.00
C SER I 47 -31.69 4.22 -12.25
N ASP I 48 -31.64 5.52 -12.56
CA ASP I 48 -32.32 6.02 -13.75
C ASP I 48 -31.71 5.46 -15.02
N ILE I 49 -30.39 5.24 -15.03
CA ILE I 49 -29.73 4.70 -16.22
C ILE I 49 -30.16 3.25 -16.46
N LEU I 50 -30.23 2.47 -15.38
CA LEU I 50 -30.58 1.05 -15.50
C LEU I 50 -32.03 0.82 -15.88
N GLN I 51 -32.87 1.86 -15.88
CA GLN I 51 -34.22 1.72 -16.42
C GLN I 51 -34.23 1.61 -17.94
N HIS I 52 -33.10 1.86 -18.60
CA HIS I 52 -32.95 1.67 -20.03
C HIS I 52 -32.05 0.47 -20.34
N ALA I 53 -31.86 -0.41 -19.36
CA ALA I 53 -30.93 -1.53 -19.56
C ALA I 53 -31.33 -2.43 -20.72
N GLU I 54 -32.62 -2.57 -20.99
CA GLU I 54 -33.05 -3.43 -22.10
C GLU I 54 -32.65 -2.81 -23.43
N LYS I 55 -32.81 -1.49 -23.58
CA LYS I 55 -32.41 -0.83 -24.81
C LYS I 55 -30.90 -0.86 -25.00
N ALA I 56 -30.14 -0.90 -23.91
CA ALA I 56 -28.69 -0.94 -24.00
C ALA I 56 -28.17 -2.34 -24.32
N GLU I 57 -28.88 -3.39 -23.89
CA GLU I 57 -28.45 -4.74 -24.21
C GLU I 57 -28.56 -5.03 -25.70
N GLN I 58 -29.55 -4.43 -26.38
CA GLN I 58 -29.70 -4.66 -27.81
C GLN I 58 -28.51 -4.17 -28.62
N VAL I 59 -27.62 -3.37 -28.01
CA VAL I 59 -26.41 -2.89 -28.69
C VAL I 59 -25.15 -3.37 -28.00
N GLY I 60 -25.25 -4.37 -27.12
CA GLY I 60 -24.09 -5.00 -26.53
C GLY I 60 -23.67 -4.49 -25.17
N VAL I 61 -24.35 -3.48 -24.64
CA VAL I 61 -23.94 -2.84 -23.39
C VAL I 61 -24.67 -3.51 -22.23
N SER I 62 -23.89 -4.09 -21.31
CA SER I 62 -24.42 -4.77 -20.14
C SER I 62 -24.57 -3.80 -18.96
N LYS I 63 -25.38 -4.20 -17.98
CA LYS I 63 -25.52 -3.41 -16.76
C LYS I 63 -24.17 -3.20 -16.09
N SER I 64 -23.39 -4.27 -15.94
CA SER I 64 -22.09 -4.17 -15.28
C SER I 64 -21.20 -3.15 -15.97
N LYS I 65 -21.32 -2.99 -17.28
CA LYS I 65 -20.51 -2.02 -18.01
C LYS I 65 -21.09 -0.61 -17.90
N LEU I 66 -22.42 -0.49 -17.74
CA LEU I 66 -23.00 0.82 -17.48
C LEU I 66 -22.52 1.37 -16.15
N ARG I 67 -22.43 0.51 -15.12
CA ARG I 67 -21.89 0.96 -13.85
C ARG I 67 -20.42 1.35 -14.01
N GLU I 68 -19.65 0.53 -14.73
CA GLU I 68 -18.24 0.82 -14.92
C GLU I 68 -18.02 2.14 -15.66
N ALA I 69 -19.00 2.59 -16.43
CA ALA I 69 -18.86 3.83 -17.19
C ALA I 69 -19.21 5.06 -16.36
N VAL I 70 -20.33 5.03 -15.65
CA VAL I 70 -20.69 6.14 -14.78
C VAL I 70 -19.63 6.34 -13.71
N VAL I 71 -19.06 5.24 -13.22
CA VAL I 71 -18.00 5.33 -12.22
C VAL I 71 -16.78 6.04 -12.79
N LEU I 72 -16.32 5.59 -13.97
CA LEU I 72 -15.18 6.25 -14.60
C LEU I 72 -15.49 7.70 -14.89
N PHE I 73 -16.71 7.97 -15.38
CA PHE I 73 -17.09 9.34 -15.72
C PHE I 73 -17.07 10.23 -14.49
N THR I 74 -17.46 9.69 -13.33
CA THR I 74 -17.58 10.45 -12.11
C THR I 74 -16.33 10.40 -11.23
N ARG I 75 -15.38 9.51 -11.50
CA ARG I 75 -14.11 9.52 -10.79
C ARG I 75 -13.18 10.61 -11.30
N ARG I 76 -13.36 11.03 -12.55
CA ARG I 76 -12.48 12.02 -13.17
C ARG I 76 -12.36 13.25 -12.30
N LEU I 77 -11.18 13.87 -12.34
CA LEU I 77 -10.94 15.07 -11.53
C LEU I 77 -11.86 16.20 -11.93
N ASP I 78 -12.24 16.28 -13.20
CA ASP I 78 -13.12 17.36 -13.65
C ASP I 78 -14.52 17.22 -13.06
N TYR I 79 -15.00 15.99 -12.85
CA TYR I 79 -16.29 15.82 -12.19
C TYR I 79 -16.20 16.26 -10.73
N LEU I 80 -15.23 15.72 -9.99
CA LEU I 80 -15.08 16.09 -8.59
C LEU I 80 -14.91 17.60 -8.43
N ALA I 81 -14.33 18.26 -9.44
CA ALA I 81 -14.08 19.69 -9.34
C ALA I 81 -15.35 20.52 -9.49
N CYS I 82 -16.41 19.97 -10.07
CA CYS I 82 -17.67 20.69 -10.22
C CYS I 82 -18.66 20.36 -9.11
N LEU I 83 -18.28 19.52 -8.14
CA LEU I 83 -19.14 19.24 -6.99
C LEU I 83 -18.89 20.33 -5.94
N LYS I 84 -19.36 21.52 -6.27
CA LYS I 84 -19.18 22.70 -5.44
C LYS I 84 -20.47 23.02 -4.69
N ALA I 85 -20.31 23.67 -3.53
CA ALA I 85 -21.43 23.95 -2.65
C ALA I 85 -22.57 24.64 -3.41
N ARG I 86 -23.75 24.06 -3.32
CA ARG I 86 -24.98 24.60 -3.90
C ARG I 86 -24.93 24.61 -5.42
N GLU I 87 -24.13 23.75 -6.02
CA GLU I 87 -24.21 23.52 -7.46
C GLU I 87 -25.40 22.61 -7.75
N VAL I 88 -25.99 22.81 -8.93
CA VAL I 88 -27.22 22.11 -9.29
C VAL I 88 -26.87 20.71 -9.78
N ARG I 89 -27.51 19.70 -9.21
CA ARG I 89 -27.46 18.34 -9.73
C ARG I 89 -28.54 18.18 -10.81
N ILE I 90 -28.20 17.45 -11.87
CA ILE I 90 -29.07 17.31 -13.03
C ILE I 90 -29.33 15.84 -13.29
N ASP I 91 -30.51 15.54 -13.83
CA ASP I 91 -30.90 14.18 -14.17
C ASP I 91 -30.35 13.83 -15.56
N LEU I 92 -30.82 12.70 -16.12
CA LEU I 92 -30.30 12.24 -17.40
C LEU I 92 -30.64 13.15 -18.56
N HIS I 93 -31.55 14.11 -18.37
CA HIS I 93 -31.96 15.01 -19.45
C HIS I 93 -31.58 16.45 -19.15
N GLY I 94 -30.67 16.67 -18.20
CA GLY I 94 -30.21 18.00 -17.87
C GLY I 94 -31.12 18.81 -16.97
N ASN I 95 -32.20 18.21 -16.44
CA ASN I 95 -33.14 18.96 -15.62
C ASN I 95 -32.63 19.09 -14.19
N PRO I 96 -32.77 20.26 -13.57
CA PRO I 96 -32.36 20.42 -12.17
C PRO I 96 -33.26 19.63 -11.23
N VAL I 97 -32.64 18.95 -10.26
CA VAL I 97 -33.37 18.09 -9.34
C VAL I 97 -32.92 18.25 -7.89
N ALA I 98 -31.72 18.76 -7.68
CA ALA I 98 -31.21 18.92 -6.31
C ALA I 98 -29.99 19.82 -6.33
N GLU I 99 -29.42 20.04 -5.14
CA GLU I 99 -28.24 20.87 -4.95
C GLU I 99 -27.19 20.09 -4.17
N VAL I 100 -25.93 20.44 -4.40
CA VAL I 100 -24.82 19.82 -3.70
C VAL I 100 -24.72 20.39 -2.29
N THR I 101 -24.69 19.51 -1.31
CA THR I 101 -24.59 19.95 0.08
C THR I 101 -23.14 20.32 0.42
N GLU I 102 -22.98 21.10 1.48
CA GLU I 102 -21.64 21.55 1.88
C GLU I 102 -20.73 20.35 2.16
N GLU I 103 -21.26 19.31 2.81
CA GLU I 103 -20.44 18.13 3.10
C GLU I 103 -19.96 17.47 1.82
N GLU I 104 -20.86 17.28 0.84
CA GLU I 104 -20.48 16.63 -0.41
C GLU I 104 -19.41 17.42 -1.15
N ALA I 105 -19.44 18.75 -1.05
CA ALA I 105 -18.40 19.54 -1.71
C ALA I 105 -17.06 19.35 -1.00
N GLU I 106 -17.07 19.25 0.32
CA GLU I 106 -15.83 19.02 1.04
C GLU I 106 -15.29 17.63 0.75
N ASN I 107 -16.16 16.61 0.81
CA ASN I 107 -15.74 15.26 0.49
C ASN I 107 -15.16 15.19 -0.91
N ALA I 108 -15.69 15.99 -1.83
CA ALA I 108 -15.18 16.00 -3.21
C ALA I 108 -13.77 16.59 -3.26
N SER I 109 -13.60 17.80 -2.72
CA SER I 109 -12.30 18.43 -2.70
C SER I 109 -11.27 17.59 -1.96
N MET I 110 -11.71 16.75 -1.02
CA MET I 110 -10.80 15.86 -0.32
C MET I 110 -10.21 14.81 -1.27
N LYS I 111 -11.05 14.20 -2.13
CA LYS I 111 -10.52 13.24 -3.09
C LYS I 111 -9.51 13.90 -4.04
N ILE I 112 -9.77 15.14 -4.42
CA ILE I 112 -8.88 15.83 -5.36
C ILE I 112 -7.52 16.06 -4.72
N LYS I 113 -7.51 16.56 -3.48
CA LYS I 113 -6.24 16.75 -2.79
C LYS I 113 -5.54 15.42 -2.54
N LYS I 114 -6.32 14.37 -2.23
CA LYS I 114 -5.73 13.05 -2.10
C LYS I 114 -5.06 12.62 -3.40
N ARG I 115 -5.83 12.61 -4.49
CA ARG I 115 -5.30 12.12 -5.76
C ARG I 115 -4.12 12.94 -6.25
N VAL I 116 -4.01 14.20 -5.83
CA VAL I 116 -2.88 15.03 -6.22
C VAL I 116 -1.74 14.84 -5.23
N ASN J 11 3.54 -25.17 21.80
CA ASN J 11 2.49 -26.13 21.47
C ASN J 11 2.58 -26.54 20.00
N GLN J 12 2.44 -25.58 19.09
CA GLN J 12 2.64 -25.87 17.67
C GLN J 12 4.11 -26.02 17.32
N SER J 13 5.02 -25.57 18.19
CA SER J 13 6.44 -25.82 18.05
C SER J 13 6.89 -27.09 18.76
N LYS J 14 6.07 -27.62 19.67
CA LYS J 14 6.38 -28.90 20.29
C LYS J 14 5.89 -30.07 19.43
N ARG J 15 4.63 -29.99 18.97
CA ARG J 15 4.15 -31.02 18.05
C ARG J 15 4.99 -31.07 16.79
N ALA J 16 5.52 -29.91 16.35
CA ALA J 16 6.44 -29.92 15.23
C ALA J 16 7.68 -30.73 15.55
N ARG J 17 8.16 -30.65 16.80
CA ARG J 17 9.31 -31.44 17.22
C ARG J 17 8.98 -32.91 17.40
N SER J 18 7.70 -33.27 17.45
CA SER J 18 7.32 -34.68 17.40
C SER J 18 7.43 -35.22 15.99
N ASP J 19 6.67 -34.62 15.07
CA ASP J 19 6.70 -35.06 13.68
C ASP J 19 8.13 -35.20 13.19
N ALA J 20 9.01 -34.27 13.61
CA ALA J 20 10.41 -34.36 13.23
C ALA J 20 11.07 -35.59 13.84
N LEU J 21 10.88 -35.79 15.14
CA LEU J 21 11.49 -36.95 15.79
C LEU J 21 10.83 -38.24 15.32
N LEU J 22 9.51 -38.22 15.11
CA LEU J 22 8.84 -39.39 14.59
C LEU J 22 9.31 -39.69 13.17
N TRP J 23 9.47 -38.65 12.34
CA TRP J 23 9.97 -38.86 10.99
C TRP J 23 11.37 -39.47 11.01
N LEU J 24 12.23 -39.00 11.92
CA LEU J 24 13.57 -39.59 12.03
C LEU J 24 13.48 -41.05 12.44
N ALA J 25 12.63 -41.35 13.41
CA ALA J 25 12.48 -42.74 13.86
C ALA J 25 11.90 -43.61 12.76
N ALA J 26 11.12 -43.03 11.85
CA ALA J 26 10.47 -43.83 10.81
C ALA J 26 11.40 -44.06 9.62
N ASN J 27 12.24 -43.10 9.28
CA ASN J 27 13.11 -43.21 8.10
C ASN J 27 14.49 -43.74 8.44
N PHE J 28 14.95 -43.56 9.67
CA PHE J 28 16.26 -44.01 10.11
C PHE J 28 16.10 -44.74 11.44
N PRO J 29 15.45 -45.90 11.43
CA PRO J 29 15.18 -46.60 12.69
C PRO J 29 16.43 -47.13 13.37
N GLU J 30 17.47 -47.48 12.61
CA GLU J 30 18.69 -47.98 13.21
C GLU J 30 19.32 -46.98 14.16
N ALA J 31 18.98 -45.69 14.03
CA ALA J 31 19.55 -44.64 14.85
C ALA J 31 18.56 -44.01 15.82
N PHE J 32 17.32 -43.79 15.41
CA PHE J 32 16.37 -42.99 16.18
C PHE J 32 15.11 -43.74 16.61
N ASP J 33 14.99 -45.03 16.30
CA ASP J 33 13.85 -45.83 16.74
C ASP J 33 14.22 -46.42 18.10
N ASN J 34 13.88 -45.70 19.16
CA ASN J 34 14.25 -46.11 20.50
C ASN J 34 13.37 -47.21 21.06
N SER J 35 12.44 -47.76 20.27
CA SER J 35 11.69 -48.93 20.72
C SER J 35 12.58 -50.18 20.68
N LEU J 36 13.55 -50.20 19.77
CA LEU J 36 14.53 -51.28 19.71
C LEU J 36 15.67 -51.02 20.70
N ARG J 37 16.48 -49.99 20.44
CA ARG J 37 17.67 -49.73 21.22
C ARG J 37 18.13 -48.30 20.96
N ILE J 38 18.88 -47.76 21.91
CA ILE J 38 19.55 -46.47 21.77
C ILE J 38 21.06 -46.72 21.79
N ARG J 39 21.75 -46.18 20.80
CA ARG J 39 23.19 -46.37 20.64
C ARG J 39 23.84 -45.03 20.34
N PRO J 40 25.10 -44.85 20.73
CA PRO J 40 25.78 -43.59 20.42
C PRO J 40 25.74 -43.29 18.93
N LEU J 41 25.55 -42.02 18.61
CA LEU J 41 25.43 -41.56 17.23
C LEU J 41 26.74 -40.95 16.74
N LYS J 42 27.01 -41.13 15.45
CA LYS J 42 28.17 -40.51 14.82
C LYS J 42 28.26 -39.05 15.22
N ILE J 43 29.49 -38.59 15.45
CA ILE J 43 29.74 -37.16 15.66
C ILE J 43 29.58 -36.45 14.33
N GLY J 44 28.67 -35.48 14.28
CA GLY J 44 28.33 -34.83 13.03
C GLY J 44 27.19 -35.49 12.28
N ILE J 45 26.36 -36.28 12.97
CA ILE J 45 25.22 -36.93 12.34
C ILE J 45 24.27 -35.92 11.72
N MET J 46 24.35 -34.66 12.13
CA MET J 46 23.42 -33.65 11.59
CA MET J 46 23.41 -33.67 11.59
C MET J 46 23.65 -33.44 10.11
N SER J 47 24.91 -33.49 9.67
CA SER J 47 25.19 -33.26 8.25
C SER J 47 24.54 -34.33 7.37
N ASP J 48 24.58 -35.59 7.81
CA ASP J 48 23.95 -36.67 7.05
C ASP J 48 22.43 -36.50 7.03
N ILE J 49 21.85 -36.03 8.14
CA ILE J 49 20.41 -35.86 8.22
C ILE J 49 19.95 -34.74 7.28
N LEU J 50 20.69 -33.63 7.25
CA LEU J 50 20.29 -32.50 6.43
C LEU J 50 20.45 -32.76 4.94
N GLN J 51 21.12 -33.85 4.55
CA GLN J 51 21.11 -34.25 3.15
C GLN J 51 19.78 -34.84 2.72
N HIS J 52 18.89 -35.16 3.67
CA HIS J 52 17.54 -35.60 3.37
C HIS J 52 16.49 -34.56 3.74
N ALA J 53 16.92 -33.31 3.96
CA ALA J 53 15.98 -32.26 4.35
C ALA J 53 14.90 -32.06 3.30
N GLU J 54 15.20 -32.34 2.04
CA GLU J 54 14.21 -32.15 0.97
C GLU J 54 13.07 -33.16 1.09
N LYS J 55 13.40 -34.42 1.39
CA LYS J 55 12.35 -35.43 1.55
C LYS J 55 11.51 -35.18 2.79
N ALA J 56 12.10 -34.57 3.82
CA ALA J 56 11.34 -34.30 5.05
C ALA J 56 10.49 -33.04 4.94
N GLU J 57 10.94 -32.03 4.19
CA GLU J 57 10.15 -30.81 4.05
C GLU J 57 8.86 -31.08 3.28
N GLN J 58 8.88 -32.06 2.35
CA GLN J 58 7.68 -32.41 1.62
C GLN J 58 6.59 -32.95 2.53
N VAL J 59 6.91 -33.29 3.78
CA VAL J 59 5.94 -33.79 4.74
C VAL J 59 5.85 -32.86 5.96
N GLY J 60 6.36 -31.63 5.82
CA GLY J 60 6.17 -30.61 6.82
C GLY J 60 7.30 -30.41 7.81
N VAL J 61 8.37 -31.20 7.72
CA VAL J 61 9.47 -31.13 8.68
C VAL J 61 10.53 -30.18 8.15
N SER J 62 10.81 -29.12 8.91
CA SER J 62 11.82 -28.15 8.54
C SER J 62 13.17 -28.54 9.12
N LYS J 63 14.24 -27.95 8.55
CA LYS J 63 15.57 -28.18 9.10
C LYS J 63 15.65 -27.77 10.57
N SER J 64 15.11 -26.59 10.90
CA SER J 64 15.17 -26.14 12.28
C SER J 64 14.54 -27.14 13.23
N LYS J 65 13.52 -27.88 12.78
CA LYS J 65 12.87 -28.86 13.63
C LYS J 65 13.64 -30.17 13.69
N LEU J 66 14.38 -30.52 12.63
CA LEU J 66 15.25 -31.67 12.70
C LEU J 66 16.36 -31.47 13.72
N ARG J 67 16.90 -30.25 13.79
CA ARG J 67 17.91 -29.97 14.81
C ARG J 67 17.30 -30.08 16.20
N GLU J 68 16.11 -29.51 16.38
CA GLU J 68 15.44 -29.58 17.67
C GLU J 68 15.14 -31.02 18.07
N ALA J 69 15.08 -31.94 17.11
CA ALA J 69 14.78 -33.33 17.40
C ALA J 69 16.04 -34.10 17.80
N VAL J 70 17.12 -33.93 17.03
CA VAL J 70 18.39 -34.55 17.42
C VAL J 70 18.84 -34.01 18.77
N VAL J 71 18.57 -32.74 19.04
CA VAL J 71 18.91 -32.17 20.34
C VAL J 71 18.13 -32.86 21.44
N LEU J 72 16.80 -32.93 21.29
CA LEU J 72 15.97 -33.61 22.28
C LEU J 72 16.35 -35.08 22.40
N PHE J 73 16.57 -35.75 21.26
CA PHE J 73 16.88 -37.18 21.28
C PHE J 73 18.19 -37.47 21.99
N THR J 74 19.17 -36.58 21.85
CA THR J 74 20.50 -36.81 22.40
C THR J 74 20.69 -36.18 23.77
N ARG J 75 19.75 -35.38 24.24
CA ARG J 75 19.80 -34.87 25.61
C ARG J 75 19.07 -35.80 26.59
N ARG J 76 18.46 -36.87 26.10
CA ARG J 76 17.82 -37.82 27.00
C ARG J 76 18.87 -38.55 27.83
N LEU J 77 18.50 -38.86 29.07
CA LEU J 77 19.43 -39.53 29.96
C LEU J 77 19.83 -40.90 29.43
N ASP J 78 18.93 -41.57 28.70
CA ASP J 78 19.25 -42.88 28.15
C ASP J 78 20.34 -42.78 27.08
N TYR J 79 20.35 -41.69 26.30
CA TYR J 79 21.43 -41.49 25.35
C TYR J 79 22.75 -41.23 26.09
N LEU J 80 22.74 -40.25 26.99
CA LEU J 80 23.94 -39.96 27.77
C LEU J 80 24.42 -41.17 28.55
N ALA J 81 23.51 -42.05 28.95
CA ALA J 81 23.86 -43.22 29.75
C ALA J 81 24.54 -44.31 28.94
N CYS J 82 24.37 -44.31 27.62
CA CYS J 82 25.03 -45.28 26.76
C CYS J 82 26.32 -44.73 26.16
N LEU J 83 26.70 -43.50 26.49
CA LEU J 83 27.96 -42.91 26.02
C LEU J 83 29.08 -43.33 26.96
N LYS J 84 29.39 -44.63 26.90
CA LYS J 84 30.43 -45.23 27.72
C LYS J 84 31.69 -45.44 26.91
N ALA J 85 32.83 -45.43 27.60
CA ALA J 85 34.12 -45.50 26.94
C ALA J 85 34.18 -46.68 25.97
N ARG J 86 34.55 -46.37 24.72
CA ARG J 86 34.75 -47.37 23.67
C ARG J 86 33.44 -48.04 23.25
N GLU J 87 32.31 -47.38 23.45
CA GLU J 87 31.06 -47.81 22.83
C GLU J 87 31.02 -47.36 21.38
N VAL J 88 30.36 -48.16 20.54
CA VAL J 88 30.38 -47.92 19.11
C VAL J 88 29.36 -46.85 18.75
N ARG J 89 29.82 -45.82 18.05
CA ARG J 89 28.95 -44.83 17.43
C ARG J 89 28.50 -45.31 16.06
N ILE J 90 27.24 -45.04 15.72
CA ILE J 90 26.66 -45.54 14.48
C ILE J 90 26.10 -44.37 13.68
N ASP J 91 26.10 -44.54 12.35
CA ASP J 91 25.52 -43.55 11.45
C ASP J 91 24.02 -43.79 11.33
N LEU J 92 23.38 -43.11 10.36
CA LEU J 92 21.93 -43.21 10.20
C LEU J 92 21.46 -44.60 9.77
N HIS J 93 22.38 -45.49 9.40
CA HIS J 93 22.02 -46.82 8.90
C HIS J 93 22.52 -47.94 9.81
N GLY J 94 22.91 -47.61 11.03
CA GLY J 94 23.36 -48.61 11.97
C GLY J 94 24.78 -49.09 11.77
N ASN J 95 25.53 -48.47 10.86
CA ASN J 95 26.89 -48.90 10.57
C ASN J 95 27.87 -48.33 11.60
N PRO J 96 28.85 -49.13 12.03
CA PRO J 96 29.85 -48.61 12.96
C PRO J 96 30.74 -47.56 12.29
N VAL J 97 30.97 -46.46 13.02
CA VAL J 97 31.74 -45.34 12.46
C VAL J 97 32.78 -44.79 13.42
N ALA J 98 32.65 -44.94 14.73
CA ALA J 98 33.65 -44.39 15.65
C ALA J 98 33.41 -44.97 17.03
N GLU J 99 34.24 -44.52 17.98
CA GLU J 99 34.13 -44.92 19.37
C GLU J 99 34.04 -43.68 20.24
N VAL J 100 33.40 -43.84 21.39
CA VAL J 100 33.31 -42.77 22.36
C VAL J 100 34.64 -42.71 23.11
N THR J 101 35.26 -41.54 23.11
CA THR J 101 36.53 -41.39 23.81
C THR J 101 36.28 -41.25 25.31
N GLU J 102 37.32 -41.48 26.11
CA GLU J 102 37.17 -41.39 27.55
C GLU J 102 36.64 -40.01 27.94
N GLU J 103 37.12 -38.96 27.27
CA GLU J 103 36.63 -37.62 27.56
C GLU J 103 35.14 -37.50 27.28
N GLU J 104 34.70 -37.99 26.11
CA GLU J 104 33.29 -37.88 25.74
C GLU J 104 32.40 -38.62 26.73
N ALA J 105 32.88 -39.73 27.28
CA ALA J 105 32.10 -40.45 28.28
C ALA J 105 32.03 -39.65 29.58
N GLU J 106 33.10 -38.92 29.92
CA GLU J 106 33.12 -38.12 31.13
C GLU J 106 32.12 -36.97 31.05
N ASN J 107 32.08 -36.25 29.92
CA ASN J 107 31.12 -35.18 29.76
C ASN J 107 29.69 -35.67 29.94
N ALA J 108 29.42 -36.93 29.56
CA ALA J 108 28.08 -37.47 29.71
C ALA J 108 27.74 -37.67 31.18
N SER J 109 28.57 -38.39 31.92
CA SER J 109 28.29 -38.62 33.33
C SER J 109 28.21 -37.32 34.11
N MET J 110 28.98 -36.30 33.69
CA MET J 110 28.87 -35.00 34.34
C MET J 110 27.50 -34.38 34.09
N LYS J 111 27.02 -34.42 32.84
CA LYS J 111 25.69 -33.88 32.57
C LYS J 111 24.63 -34.64 33.35
N ILE J 112 24.79 -35.96 33.48
CA ILE J 112 23.79 -36.77 34.19
C ILE J 112 23.78 -36.40 35.67
N LYS J 113 24.96 -36.29 36.28
CA LYS J 113 25.02 -35.90 37.69
C LYS J 113 24.43 -34.52 37.90
N LYS J 114 24.66 -33.60 36.96
CA LYS J 114 24.05 -32.28 37.06
C LYS J 114 22.53 -32.37 36.98
N ARG J 115 22.02 -33.29 36.16
CA ARG J 115 20.58 -33.44 35.96
C ARG J 115 19.95 -34.40 36.96
N VAL J 116 20.68 -35.43 37.38
CA VAL J 116 20.15 -36.38 38.35
C VAL J 116 20.20 -35.85 39.77
N GLU J 117 20.95 -34.78 40.01
CA GLU J 117 20.98 -34.16 41.33
C GLU J 117 21.65 -35.08 42.35
N ASN K 11 11.28 7.92 30.88
CA ASN K 11 11.42 9.35 31.08
C ASN K 11 12.89 9.74 31.22
N GLN K 12 13.66 8.87 31.89
CA GLN K 12 15.08 9.14 32.10
C GLN K 12 15.83 9.25 30.78
N SER K 13 15.30 8.67 29.70
CA SER K 13 15.94 8.75 28.39
C SER K 13 15.86 10.13 27.77
N LYS K 14 14.99 11.01 28.29
CA LYS K 14 14.90 12.37 27.78
C LYS K 14 15.85 13.32 28.51
N ARG K 15 16.01 13.16 29.83
CA ARG K 15 16.94 14.00 30.57
C ARG K 15 18.38 13.71 30.19
N ALA K 16 18.69 12.45 29.87
CA ALA K 16 20.05 12.11 29.43
C ALA K 16 20.35 12.71 28.06
N ARG K 17 19.35 12.71 27.18
CA ARG K 17 19.55 13.33 25.87
C ARG K 17 19.72 14.85 26.00
N SER K 18 18.97 15.48 26.91
CA SER K 18 19.16 16.89 27.19
C SER K 18 20.61 17.19 27.57
N ASP K 19 21.10 16.52 28.62
CA ASP K 19 22.49 16.73 29.05
C ASP K 19 23.46 16.63 27.89
N ALA K 20 23.21 15.71 26.96
CA ALA K 20 24.09 15.57 25.81
C ALA K 20 24.06 16.81 24.93
N LEU K 21 22.87 17.31 24.61
CA LEU K 21 22.78 18.49 23.76
C LEU K 21 23.30 19.72 24.48
N LEU K 22 23.03 19.84 25.79
CA LEU K 22 23.58 20.96 26.55
C LEU K 22 25.11 20.88 26.60
N TRP K 23 25.64 19.67 26.78
CA TRP K 23 27.09 19.49 26.75
C TRP K 23 27.65 19.91 25.41
N LEU K 24 26.98 19.53 24.32
CA LEU K 24 27.43 19.93 22.99
C LEU K 24 27.39 21.45 22.82
N ALA K 25 26.31 22.08 23.26
CA ALA K 25 26.19 23.53 23.12
C ALA K 25 27.23 24.25 23.98
N ALA K 26 27.66 23.62 25.07
CA ALA K 26 28.63 24.25 25.96
C ALA K 26 30.06 24.06 25.46
N ASN K 27 30.35 22.91 24.85
CA ASN K 27 31.69 22.59 24.38
C ASN K 27 31.92 22.89 22.91
N PHE K 28 30.88 22.87 22.08
CA PHE K 28 30.99 23.18 20.65
C PHE K 28 29.89 24.16 20.29
N PRO K 29 29.96 25.39 20.79
CA PRO K 29 28.85 26.33 20.57
C PRO K 29 28.72 26.79 19.13
N GLU K 30 29.83 26.87 18.39
CA GLU K 30 29.75 27.32 17.00
C GLU K 30 28.82 26.45 16.18
N ALA K 31 28.55 25.23 16.62
CA ALA K 31 27.71 24.28 15.89
C ALA K 31 26.37 24.03 16.55
N PHE K 32 26.35 23.94 17.88
CA PHE K 32 25.16 23.49 18.60
C PHE K 32 24.58 24.51 19.56
N ASP K 33 25.15 25.71 19.67
CA ASP K 33 24.54 26.76 20.49
C ASP K 33 23.62 27.55 19.57
N ASN K 34 22.38 27.08 19.44
CA ASN K 34 21.39 27.69 18.57
C ASN K 34 20.73 28.91 19.21
N SER K 35 21.26 29.41 20.32
CA SER K 35 20.71 30.62 20.92
C SER K 35 20.94 31.86 20.07
N LEU K 36 21.62 31.73 18.93
CA LEU K 36 21.66 32.81 17.95
C LEU K 36 21.47 32.28 16.53
N ARG K 37 22.53 31.72 15.97
CA ARG K 37 22.53 31.26 14.59
C ARG K 37 22.74 29.77 14.52
N ILE K 38 21.94 29.11 13.69
CA ILE K 38 22.09 27.72 13.33
C ILE K 38 22.68 27.68 11.92
N ARG K 39 23.69 26.84 11.73
CA ARG K 39 24.36 26.75 10.45
C ARG K 39 24.49 25.29 10.02
N PRO K 40 24.53 25.03 8.72
CA PRO K 40 24.68 23.64 8.26
C PRO K 40 25.93 23.00 8.84
N LEU K 41 25.81 21.73 9.20
CA LEU K 41 26.89 20.99 9.83
C LEU K 41 27.62 20.11 8.82
N LYS K 42 28.93 19.97 9.04
CA LYS K 42 29.74 19.07 8.23
C LYS K 42 29.06 17.71 8.09
N ILE K 43 29.16 17.13 6.90
CA ILE K 43 28.70 15.76 6.69
C ILE K 43 29.67 14.81 7.40
N GLY K 44 29.14 14.03 8.34
CA GLY K 44 29.97 13.23 9.22
C GLY K 44 30.33 13.92 10.51
N ILE K 45 29.57 14.94 10.91
CA ILE K 45 29.85 15.64 12.16
C ILE K 45 29.83 14.66 13.34
N MET K 46 29.10 13.56 13.21
CA MET K 46 29.01 12.59 14.30
CA MET K 46 29.01 12.62 14.32
C MET K 46 30.37 12.03 14.65
N SER K 47 31.13 11.60 13.63
CA SER K 47 32.44 11.04 13.89
C SER K 47 33.32 12.00 14.65
N ASP K 48 33.27 13.29 14.32
CA ASP K 48 34.08 14.28 15.02
C ASP K 48 33.64 14.40 16.48
N ILE K 49 32.35 14.30 16.75
CA ILE K 49 31.87 14.40 18.13
C ILE K 49 32.33 13.20 18.94
N LEU K 50 32.28 12.01 18.35
CA LEU K 50 32.65 10.79 19.08
C LEU K 50 34.15 10.71 19.35
N GLN K 51 34.97 11.57 18.74
CA GLN K 51 36.36 11.66 19.14
C GLN K 51 36.54 12.31 20.51
N HIS K 52 35.48 12.92 21.06
CA HIS K 52 35.49 13.46 22.41
C HIS K 52 34.64 12.64 23.36
N ALA K 53 34.31 11.39 22.99
CA ALA K 53 33.43 10.58 23.81
C ALA K 53 33.99 10.38 25.22
N GLU K 54 35.31 10.35 25.36
CA GLU K 54 35.91 10.14 26.68
C GLU K 54 35.72 11.36 27.59
N LYS K 55 35.90 12.57 27.06
CA LYS K 55 35.74 13.77 27.89
C LYS K 55 34.29 13.96 28.31
N ALA K 56 33.34 13.53 27.48
CA ALA K 56 31.94 13.63 27.85
C ALA K 56 31.54 12.49 28.77
N GLU K 57 32.18 11.33 28.64
CA GLU K 57 31.85 10.20 29.50
C GLU K 57 32.20 10.47 30.96
N GLN K 58 33.25 11.26 31.23
CA GLN K 58 33.57 11.58 32.62
C GLN K 58 32.46 12.34 33.31
N VAL K 59 31.50 12.87 32.57
CA VAL K 59 30.39 13.63 33.15
C VAL K 59 29.06 12.94 32.89
N GLY K 60 29.08 11.67 32.48
CA GLY K 60 27.88 10.87 32.39
C GLY K 60 27.24 10.78 31.02
N VAL K 61 27.79 11.44 30.02
CA VAL K 61 27.20 11.46 28.69
C VAL K 61 27.82 10.33 27.86
N SER K 62 26.98 9.40 27.41
CA SER K 62 27.41 8.27 26.62
C SER K 62 27.38 8.59 25.12
N LYS K 63 28.08 7.77 24.34
CA LYS K 63 28.04 7.91 22.89
C LYS K 63 26.62 7.80 22.36
N SER K 64 25.86 6.80 22.84
CA SER K 64 24.49 6.62 22.36
C SER K 64 23.64 7.86 22.58
N LYS K 65 23.90 8.61 23.65
CA LYS K 65 23.11 9.81 23.92
C LYS K 65 23.59 11.00 23.10
N LEU K 66 24.88 11.01 22.73
CA LEU K 66 25.37 12.04 21.81
C LEU K 66 24.72 11.92 20.44
N ARG K 67 24.50 10.69 19.97
CA ARG K 67 23.76 10.54 18.72
C ARG K 67 22.34 11.05 18.87
N GLU K 68 21.69 10.70 19.99
CA GLU K 68 20.32 11.13 20.22
C GLU K 68 20.23 12.65 20.26
N ALA K 69 21.31 13.34 20.58
CA ALA K 69 21.31 14.80 20.65
C ALA K 69 21.54 15.42 19.28
N VAL K 70 22.53 14.92 18.54
CA VAL K 70 22.74 15.37 17.18
C VAL K 70 21.53 15.08 16.31
N VAL K 71 20.87 13.95 16.58
CA VAL K 71 19.64 13.61 15.85
C VAL K 71 18.55 14.63 16.15
N LEU K 72 18.31 14.88 17.43
CA LEU K 72 17.28 15.84 17.81
C LEU K 72 17.61 17.23 17.28
N PHE K 73 18.88 17.65 17.39
CA PHE K 73 19.25 18.99 16.97
C PHE K 73 19.01 19.21 15.49
N THR K 74 19.26 18.19 14.67
CA THR K 74 19.20 18.33 13.23
C THR K 74 17.84 17.96 12.64
N ARG K 75 17.06 17.12 13.32
CA ARG K 75 15.73 16.83 12.81
C ARG K 75 14.75 17.97 13.05
N ARG K 76 15.16 18.99 13.80
CA ARG K 76 14.35 20.18 14.00
C ARG K 76 14.15 20.94 12.69
N LEU K 77 13.00 21.60 12.58
CA LEU K 77 12.70 22.37 11.38
C LEU K 77 13.68 23.54 11.20
N ASP K 78 14.18 24.12 12.29
CA ASP K 78 15.12 25.23 12.16
C ASP K 78 16.42 24.79 11.50
N TYR K 79 16.88 23.57 11.79
CA TYR K 79 18.05 23.05 11.11
C TYR K 79 17.75 22.79 9.63
N LEU K 80 16.68 22.03 9.37
CA LEU K 80 16.32 21.75 7.99
C LEU K 80 16.05 23.03 7.22
N ALA K 81 15.63 24.09 7.90
CA ALA K 81 15.31 25.34 7.22
C ALA K 81 16.54 26.10 6.77
N CYS K 82 17.72 25.82 7.35
CA CYS K 82 18.94 26.49 6.96
C CYS K 82 19.76 25.69 5.94
N LEU K 83 19.26 24.52 5.52
CA LEU K 83 19.94 23.71 4.51
C LEU K 83 19.51 24.18 3.12
N LYS K 84 19.99 25.37 2.78
CA LYS K 84 19.69 25.99 1.50
C LYS K 84 20.86 25.83 0.55
N ALA K 85 20.54 25.84 -0.75
CA ALA K 85 21.54 25.60 -1.77
C ALA K 85 22.75 26.50 -1.61
N ARG K 86 23.93 25.89 -1.56
CA ARG K 86 25.22 26.58 -1.51
C ARG K 86 25.43 27.37 -0.22
N GLU K 87 24.76 26.97 0.86
CA GLU K 87 25.10 27.47 2.18
C GLU K 87 26.32 26.75 2.71
N VAL K 88 27.08 27.44 3.55
CA VAL K 88 28.36 26.93 4.03
C VAL K 88 28.11 25.96 5.19
N ARG K 89 28.66 24.75 5.06
CA ARG K 89 28.70 23.79 6.15
C ARG K 89 29.94 24.04 7.02
N ILE K 90 29.77 23.90 8.33
CA ILE K 90 30.81 24.20 9.31
C ILE K 90 31.04 22.98 10.20
N ASP K 91 32.27 22.85 10.69
CA ASP K 91 32.62 21.78 11.62
C ASP K 91 32.26 22.20 13.04
N LEU K 92 32.73 21.46 14.04
CA LEU K 92 32.35 21.74 15.43
C LEU K 92 32.83 23.10 15.91
N HIS K 93 33.75 23.75 15.19
CA HIS K 93 34.32 25.02 15.64
C HIS K 93 34.02 26.16 14.67
N GLY K 94 33.03 26.01 13.81
CA GLY K 94 32.64 27.09 12.91
C GLY K 94 33.51 27.26 11.69
N ASN K 95 34.42 26.33 11.42
CA ASN K 95 35.26 26.52 10.24
C ASN K 95 34.49 26.07 9.00
N PRO K 96 34.55 26.84 7.91
CA PRO K 96 33.90 26.38 6.67
C PRO K 96 34.63 25.18 6.10
N VAL K 97 33.86 24.18 5.67
CA VAL K 97 34.46 22.95 5.18
C VAL K 97 33.77 22.46 3.91
N ALA K 98 32.53 22.88 3.67
CA ALA K 98 31.82 22.44 2.48
C ALA K 98 30.57 23.30 2.28
N GLU K 99 29.83 23.00 1.22
CA GLU K 99 28.61 23.71 0.87
C GLU K 99 27.48 22.72 0.64
N VAL K 100 26.25 23.18 0.85
CA VAL K 100 25.08 22.36 0.62
C VAL K 100 24.78 22.32 -0.87
N THR K 101 24.65 21.11 -1.40
CA THR K 101 24.38 20.95 -2.83
C THR K 101 22.90 21.17 -3.11
N GLU K 102 22.60 21.43 -4.39
CA GLU K 102 21.22 21.68 -4.80
C GLU K 102 20.31 20.51 -4.41
N GLU K 103 20.81 19.28 -4.57
CA GLU K 103 20.02 18.12 -4.17
C GLU K 103 19.76 18.11 -2.67
N GLU K 104 20.81 18.34 -1.87
CA GLU K 104 20.66 18.30 -0.42
C GLU K 104 19.69 19.36 0.07
N ALA K 105 19.66 20.52 -0.57
CA ALA K 105 18.74 21.57 -0.15
C ALA K 105 17.29 21.19 -0.44
N GLU K 106 17.06 20.51 -1.57
CA GLU K 106 15.71 20.10 -1.92
C GLU K 106 15.20 19.04 -0.95
N ASN K 107 16.03 18.04 -0.66
CA ASN K 107 15.62 16.99 0.29
C ASN K 107 15.22 17.58 1.63
N ALA K 108 15.84 18.69 2.03
CA ALA K 108 15.48 19.32 3.30
C ALA K 108 14.07 19.89 3.24
N SER K 109 13.79 20.72 2.23
CA SER K 109 12.45 21.28 2.08
C SER K 109 11.41 20.18 1.95
N MET K 110 11.79 19.02 1.40
CA MET K 110 10.87 17.89 1.35
C MET K 110 10.51 17.40 2.74
N LYS K 111 11.52 17.24 3.62
CA LYS K 111 11.21 16.83 4.99
C LYS K 111 10.35 17.87 5.69
N ILE K 112 10.59 19.16 5.41
CA ILE K 112 9.85 20.21 6.09
C ILE K 112 8.38 20.14 5.73
N LYS K 113 8.08 20.00 4.44
CA LYS K 113 6.69 19.82 4.03
C LYS K 113 6.10 18.57 4.64
N LYS K 114 6.87 17.47 4.65
CA LYS K 114 6.38 16.23 5.26
C LYS K 114 6.12 16.44 6.73
N ARG K 115 7.09 16.96 7.46
CA ARG K 115 6.88 17.31 8.86
C ARG K 115 6.02 18.55 9.02
N VAL K 116 5.45 19.02 7.93
CA VAL K 116 4.52 20.14 7.91
C VAL K 116 4.97 21.25 8.86
N SER L 18 -6.99 14.84 26.52
CA SER L 18 -7.75 13.96 25.65
C SER L 18 -8.35 12.81 26.45
N ASP L 19 -7.49 11.88 26.87
CA ASP L 19 -7.94 10.75 27.67
C ASP L 19 -8.70 11.22 28.91
N ALA L 20 -8.22 12.29 29.54
CA ALA L 20 -8.86 12.78 30.76
C ALA L 20 -10.23 13.38 30.48
N LEU L 21 -10.32 14.28 29.50
CA LEU L 21 -11.58 14.97 29.25
C LEU L 21 -12.64 14.02 28.74
N LEU L 22 -12.26 13.05 27.91
CA LEU L 22 -13.23 12.07 27.43
C LEU L 22 -13.81 11.28 28.59
N TRP L 23 -12.97 10.91 29.56
CA TRP L 23 -13.47 10.20 30.74
C TRP L 23 -14.51 11.02 31.48
N LEU L 24 -14.27 12.33 31.62
CA LEU L 24 -15.24 13.19 32.30
C LEU L 24 -16.56 13.23 31.54
N ALA L 25 -16.50 13.43 30.23
CA ALA L 25 -17.71 13.51 29.42
C ALA L 25 -18.47 12.19 29.38
N ALA L 26 -17.78 11.07 29.61
CA ALA L 26 -18.44 9.77 29.51
C ALA L 26 -19.18 9.43 30.80
N ASN L 27 -18.64 9.82 31.95
CA ASN L 27 -19.26 9.50 33.22
C ASN L 27 -20.15 10.61 33.77
N PHE L 28 -19.85 11.87 33.42
CA PHE L 28 -20.61 13.03 33.88
C PHE L 28 -20.94 13.90 32.67
N PRO L 29 -21.78 13.42 31.76
CA PRO L 29 -22.05 14.19 30.55
C PRO L 29 -22.83 15.47 30.80
N GLU L 30 -23.66 15.51 31.84
CA GLU L 30 -24.43 16.70 32.13
C GLU L 30 -23.56 17.92 32.39
N ALA L 31 -22.28 17.74 32.71
CA ALA L 31 -21.39 18.84 33.03
C ALA L 31 -20.29 19.06 31.99
N PHE L 32 -19.72 18.00 31.42
CA PHE L 32 -18.53 18.11 30.60
C PHE L 32 -18.72 17.65 29.16
N ASP L 33 -19.93 17.28 28.76
CA ASP L 33 -20.19 16.94 27.36
C ASP L 33 -20.64 18.23 26.66
N ASN L 34 -19.65 18.95 26.13
CA ASN L 34 -19.85 20.23 25.46
C ASN L 34 -20.33 20.08 24.02
N SER L 35 -20.78 18.89 23.63
CA SER L 35 -21.25 18.68 22.26
C SER L 35 -22.51 19.46 21.95
N LEU L 36 -23.37 19.72 22.94
CA LEU L 36 -24.58 20.50 22.72
C LEU L 36 -24.59 21.78 23.53
N ARG L 37 -24.45 21.70 24.85
CA ARG L 37 -24.50 22.90 25.69
C ARG L 37 -23.41 22.84 26.75
N ILE L 38 -22.89 24.03 27.06
CA ILE L 38 -21.95 24.23 28.17
C ILE L 38 -22.63 25.13 29.19
N ARG L 39 -22.54 24.74 30.46
CA ARG L 39 -23.17 25.46 31.55
C ARG L 39 -22.15 25.68 32.66
N PRO L 40 -22.28 26.77 33.40
CA PRO L 40 -21.34 27.02 34.50
C PRO L 40 -21.32 25.87 35.49
N LEU L 41 -20.12 25.58 36.01
CA LEU L 41 -19.91 24.45 36.90
C LEU L 41 -19.88 24.91 38.37
N LYS L 42 -20.38 24.04 39.24
CA LYS L 42 -20.33 24.25 40.68
C LYS L 42 -18.95 24.71 41.14
N ILE L 43 -18.92 25.63 42.09
CA ILE L 43 -17.66 26.01 42.73
C ILE L 43 -17.20 24.86 43.63
N GLY L 44 -16.01 24.36 43.36
CA GLY L 44 -15.55 23.15 44.01
C GLY L 44 -15.91 21.88 43.27
N ILE L 45 -16.23 21.97 41.98
CA ILE L 45 -16.52 20.78 41.20
C ILE L 45 -15.33 19.84 41.22
N MET L 46 -14.12 20.38 41.40
CA MET L 46 -12.92 19.55 41.42
CA MET L 46 -12.94 19.53 41.40
C MET L 46 -12.97 18.53 42.54
N SER L 47 -13.48 18.94 43.71
CA SER L 47 -13.52 18.03 44.85
C SER L 47 -14.45 16.84 44.59
N ASP L 48 -15.60 17.10 43.95
CA ASP L 48 -16.52 16.01 43.65
C ASP L 48 -15.95 15.02 42.65
N ILE L 49 -15.21 15.52 41.65
CA ILE L 49 -14.66 14.64 40.62
C ILE L 49 -13.57 13.73 41.20
N LEU L 50 -12.70 14.29 42.03
CA LEU L 50 -11.55 13.55 42.56
C LEU L 50 -11.97 12.44 43.51
N GLN L 51 -13.24 12.38 43.91
CA GLN L 51 -13.72 11.26 44.70
C GLN L 51 -13.79 9.96 43.90
N HIS L 52 -13.65 10.01 42.57
CA HIS L 52 -13.61 8.82 41.74
C HIS L 52 -12.23 8.56 41.17
N ALA L 53 -11.18 9.13 41.76
CA ALA L 53 -9.84 8.96 41.21
C ALA L 53 -9.48 7.48 41.09
N GLU L 54 -10.03 6.63 41.96
CA GLU L 54 -9.72 5.20 41.88
C GLU L 54 -10.33 4.59 40.63
N LYS L 55 -11.58 4.95 40.30
CA LYS L 55 -12.21 4.44 39.10
C LYS L 55 -11.54 4.98 37.84
N ALA L 56 -10.97 6.18 37.91
CA ALA L 56 -10.30 6.76 36.75
C ALA L 56 -8.90 6.22 36.57
N GLU L 57 -8.21 5.88 37.66
CA GLU L 57 -6.86 5.34 37.54
C GLU L 57 -6.86 3.97 36.89
N GLN L 58 -7.92 3.19 37.09
CA GLN L 58 -8.01 1.88 36.46
C GLN L 58 -8.04 1.95 34.94
N VAL L 59 -8.25 3.14 34.37
CA VAL L 59 -8.27 3.33 32.93
C VAL L 59 -7.18 4.28 32.46
N GLY L 60 -6.19 4.56 33.31
CA GLY L 60 -5.01 5.31 32.93
C GLY L 60 -5.04 6.79 33.25
N VAL L 61 -6.15 7.31 33.77
CA VAL L 61 -6.29 8.73 34.06
C VAL L 61 -5.87 8.98 35.50
N SER L 62 -4.82 9.79 35.67
CA SER L 62 -4.31 10.13 36.98
C SER L 62 -4.97 11.40 37.51
N LYS L 63 -4.83 11.63 38.81
CA LYS L 63 -5.34 12.87 39.40
C LYS L 63 -4.78 14.09 38.66
N SER L 64 -3.48 14.07 38.37
CA SER L 64 -2.87 15.20 37.68
C SER L 64 -3.58 15.51 36.36
N LYS L 65 -4.10 14.48 35.69
CA LYS L 65 -4.79 14.71 34.42
C LYS L 65 -6.25 15.12 34.60
N LEU L 66 -6.91 14.67 35.68
CA LEU L 66 -8.24 15.18 35.97
C LEU L 66 -8.21 16.67 36.32
N ARG L 67 -7.19 17.09 37.08
CA ARG L 67 -7.00 18.51 37.35
C ARG L 67 -6.69 19.27 36.07
N GLU L 68 -5.84 18.73 35.20
CA GLU L 68 -5.57 19.40 33.93
C GLU L 68 -6.80 19.50 33.03
N ALA L 69 -7.78 18.61 33.21
CA ALA L 69 -8.94 18.60 32.32
C ALA L 69 -10.03 19.59 32.77
N VAL L 70 -10.40 19.55 34.05
CA VAL L 70 -11.38 20.52 34.55
C VAL L 70 -10.82 21.93 34.42
N VAL L 71 -9.53 22.09 34.67
CA VAL L 71 -8.89 23.39 34.51
C VAL L 71 -8.93 23.84 33.06
N LEU L 72 -8.51 22.95 32.16
CA LEU L 72 -8.56 23.24 30.72
C LEU L 72 -9.97 23.48 30.24
N PHE L 73 -10.93 22.66 30.71
CA PHE L 73 -12.31 22.79 30.26
C PHE L 73 -12.90 24.15 30.63
N THR L 74 -12.52 24.68 31.80
CA THR L 74 -13.11 25.90 32.33
C THR L 74 -12.37 27.15 31.90
N ARG L 75 -11.48 27.04 30.91
CA ARG L 75 -10.85 28.21 30.31
C ARG L 75 -11.09 28.30 28.82
N ARG L 76 -11.87 27.39 28.24
CA ARG L 76 -12.31 27.56 26.87
C ARG L 76 -13.18 28.80 26.75
N LEU L 77 -13.09 29.47 25.61
CA LEU L 77 -13.89 30.67 25.39
C LEU L 77 -15.37 30.36 25.42
N ASP L 78 -15.75 29.14 25.01
CA ASP L 78 -17.16 28.77 25.03
C ASP L 78 -17.69 28.69 26.46
N TYR L 79 -16.84 28.23 27.39
CA TYR L 79 -17.23 28.21 28.80
C TYR L 79 -17.29 29.62 29.38
N LEU L 80 -16.21 30.39 29.23
CA LEU L 80 -16.18 31.74 29.76
C LEU L 80 -17.32 32.59 29.22
N ALA L 81 -17.83 32.27 28.04
CA ALA L 81 -18.89 33.06 27.44
C ALA L 81 -20.24 32.84 28.10
N CYS L 82 -20.45 31.72 28.79
CA CYS L 82 -21.71 31.43 29.46
C CYS L 82 -21.69 31.78 30.94
N LEU L 83 -20.61 32.35 31.46
CA LEU L 83 -20.53 32.78 32.86
C LEU L 83 -21.13 34.18 32.98
N LYS L 84 -22.46 34.24 32.84
CA LYS L 84 -23.20 35.48 32.89
C LYS L 84 -23.94 35.63 34.21
N ALA L 85 -24.17 36.88 34.61
CA ALA L 85 -24.81 37.18 35.88
C ALA L 85 -26.12 36.43 36.03
N ARG L 86 -26.27 35.74 37.16
CA ARG L 86 -27.47 34.98 37.51
C ARG L 86 -27.70 33.77 36.61
N GLU L 87 -26.64 33.25 35.99
CA GLU L 87 -26.71 31.95 35.34
C GLU L 87 -26.58 30.84 36.38
N VAL L 88 -27.22 29.71 36.12
CA VAL L 88 -27.27 28.62 37.08
C VAL L 88 -25.99 27.80 37.00
N ARG L 89 -25.32 27.63 38.13
CA ARG L 89 -24.23 26.67 38.24
C ARG L 89 -24.81 25.29 38.54
N ILE L 90 -24.20 24.27 37.94
CA ILE L 90 -24.71 22.91 38.02
C ILE L 90 -23.61 21.99 38.56
N ASP L 91 -24.03 20.93 39.26
CA ASP L 91 -23.10 19.94 39.78
C ASP L 91 -22.81 18.92 38.67
N LEU L 92 -22.18 17.80 39.02
CA LEU L 92 -21.79 16.81 38.03
C LEU L 92 -22.99 16.13 37.36
N HIS L 93 -24.22 16.33 37.86
CA HIS L 93 -25.40 15.67 37.33
C HIS L 93 -26.39 16.66 36.72
N GLY L 94 -25.97 17.90 36.46
CA GLY L 94 -26.84 18.87 35.83
C GLY L 94 -27.84 19.51 36.76
N ASN L 95 -27.73 19.27 38.06
CA ASN L 95 -28.68 19.81 39.02
C ASN L 95 -28.33 21.25 39.37
N PRO L 96 -29.33 22.14 39.48
CA PRO L 96 -29.03 23.51 39.92
C PRO L 96 -28.58 23.51 41.38
N VAL L 97 -27.48 24.24 41.65
CA VAL L 97 -26.90 24.24 42.99
C VAL L 97 -26.50 25.64 43.44
N ALA L 98 -26.29 26.55 42.49
CA ALA L 98 -25.88 27.91 42.84
C ALA L 98 -26.05 28.80 41.62
N GLU L 99 -25.70 30.07 41.79
CA GLU L 99 -25.77 31.07 40.73
C GLU L 99 -24.44 31.78 40.60
N VAL L 100 -24.16 32.28 39.40
CA VAL L 100 -22.93 33.02 39.15
C VAL L 100 -23.11 34.45 39.67
N THR L 101 -22.18 34.88 40.52
CA THR L 101 -22.24 36.22 41.08
C THR L 101 -21.75 37.23 40.04
N GLU L 102 -22.12 38.50 40.26
CA GLU L 102 -21.70 39.55 39.33
C GLU L 102 -20.19 39.63 39.25
N GLU L 103 -19.49 39.44 40.37
CA GLU L 103 -18.03 39.47 40.36
C GLU L 103 -17.47 38.37 39.48
N GLU L 104 -17.98 37.15 39.63
CA GLU L 104 -17.50 36.03 38.82
C GLU L 104 -17.77 36.26 37.34
N ALA L 105 -18.90 36.90 37.01
CA ALA L 105 -19.22 37.18 35.62
C ALA L 105 -18.28 38.23 35.04
N GLU L 106 -17.88 39.22 35.85
CA GLU L 106 -16.95 40.23 35.38
C GLU L 106 -15.58 39.61 35.12
N ASN L 107 -15.10 38.79 36.06
CA ASN L 107 -13.82 38.12 35.87
C ASN L 107 -13.80 37.28 34.60
N ALA L 108 -14.95 36.69 34.23
CA ALA L 108 -15.00 35.84 33.05
C ALA L 108 -14.84 36.65 31.76
N SER L 109 -15.66 37.70 31.59
CA SER L 109 -15.54 38.55 30.41
C SER L 109 -14.15 39.16 30.29
N MET L 110 -13.46 39.31 31.42
CA MET L 110 -12.10 39.87 31.41
C MET L 110 -11.15 38.96 30.65
N LYS L 111 -11.22 37.64 30.91
CA LYS L 111 -10.36 36.69 30.20
C LYS L 111 -10.65 36.66 28.71
N ILE L 112 -11.93 36.76 28.33
CA ILE L 112 -12.35 36.63 26.94
C ILE L 112 -11.78 37.76 26.08
N ARG M 15 -23.91 27.85 -24.43
CA ARG M 15 -23.33 29.18 -24.59
C ARG M 15 -22.55 29.30 -25.90
N ALA M 16 -21.92 30.46 -26.10
CA ALA M 16 -21.08 30.66 -27.27
C ALA M 16 -19.77 29.87 -27.15
N ARG M 17 -19.06 30.08 -26.04
CA ARG M 17 -17.85 29.30 -25.77
C ARG M 17 -18.12 27.81 -25.77
N SER M 18 -19.38 27.39 -25.58
CA SER M 18 -19.73 25.98 -25.66
C SER M 18 -19.64 25.47 -27.09
N ASP M 19 -20.40 26.09 -28.00
CA ASP M 19 -20.36 25.70 -29.41
C ASP M 19 -18.94 25.56 -29.93
N ALA M 20 -18.01 26.39 -29.44
CA ALA M 20 -16.63 26.32 -29.91
C ALA M 20 -16.00 24.96 -29.59
N LEU M 21 -16.16 24.49 -28.34
CA LEU M 21 -15.54 23.22 -27.97
C LEU M 21 -16.18 22.04 -28.71
N LEU M 22 -17.48 22.09 -28.99
CA LEU M 22 -18.08 21.02 -29.77
C LEU M 22 -17.46 20.97 -31.17
N TRP M 23 -17.26 22.14 -31.79
CA TRP M 23 -16.66 22.18 -33.12
C TRP M 23 -15.25 21.62 -33.10
N LEU M 24 -14.47 21.94 -32.06
CA LEU M 24 -13.11 21.41 -31.97
C LEU M 24 -13.12 19.90 -31.84
N ALA M 25 -13.96 19.37 -30.96
CA ALA M 25 -14.00 17.92 -30.75
C ALA M 25 -14.51 17.19 -31.99
N ALA M 26 -15.31 17.85 -32.83
CA ALA M 26 -15.90 17.18 -33.98
C ALA M 26 -14.93 17.09 -35.16
N ASN M 27 -14.09 18.10 -35.36
CA ASN M 27 -13.17 18.14 -36.48
C ASN M 27 -11.78 17.61 -36.13
N PHE M 28 -11.38 17.70 -34.86
CA PHE M 28 -10.07 17.21 -34.40
C PHE M 28 -10.28 16.37 -33.15
N PRO M 29 -10.90 15.20 -33.29
CA PRO M 29 -11.19 14.39 -32.09
C PRO M 29 -9.95 13.83 -31.42
N GLU M 30 -8.88 13.55 -32.17
CA GLU M 30 -7.68 13.00 -31.57
C GLU M 30 -7.10 13.88 -30.47
N ALA M 31 -7.46 15.16 -30.46
CA ALA M 31 -6.95 16.11 -29.49
C ALA M 31 -7.99 16.57 -28.48
N PHE M 32 -9.24 16.74 -28.92
CA PHE M 32 -10.27 17.36 -28.10
C PHE M 32 -11.45 16.46 -27.80
N ASP M 33 -11.45 15.21 -28.25
CA ASP M 33 -12.50 14.26 -27.86
C ASP M 33 -12.03 13.54 -26.60
N ASN M 34 -12.27 14.18 -25.46
CA ASN M 34 -11.90 13.70 -24.14
C ASN M 34 -12.89 12.68 -23.56
N SER M 35 -13.81 12.15 -24.37
CA SER M 35 -14.75 11.16 -23.89
C SER M 35 -14.11 9.82 -23.55
N LEU M 36 -12.89 9.57 -23.96
CA LEU M 36 -12.21 8.34 -23.58
C LEU M 36 -10.81 8.58 -23.03
N ARG M 37 -10.04 9.49 -23.61
CA ARG M 37 -8.71 9.79 -23.10
C ARG M 37 -8.36 11.25 -23.36
N ILE M 38 -7.51 11.78 -22.50
CA ILE M 38 -6.94 13.12 -22.65
C ILE M 38 -5.43 12.96 -22.70
N ARG M 39 -4.80 13.64 -23.65
CA ARG M 39 -3.36 13.55 -23.85
C ARG M 39 -2.76 14.94 -24.00
N PRO M 40 -1.50 15.12 -23.60
CA PRO M 40 -0.86 16.44 -23.75
C PRO M 40 -0.92 16.93 -25.18
N LEU M 41 -1.16 18.23 -25.34
CA LEU M 41 -1.32 18.84 -26.64
C LEU M 41 -0.03 19.50 -27.09
N LYS M 42 0.18 19.47 -28.41
CA LYS M 42 1.31 20.15 -29.02
C LYS M 42 1.42 21.58 -28.49
N ILE M 43 2.66 22.03 -28.27
CA ILE M 43 2.91 23.42 -27.94
C ILE M 43 2.67 24.25 -29.20
N GLY M 44 1.78 25.23 -29.09
CA GLY M 44 1.37 25.98 -30.24
C GLY M 44 0.17 25.42 -30.95
N ILE M 45 -0.61 24.58 -30.27
CA ILE M 45 -1.80 24.02 -30.89
C ILE M 45 -2.74 25.13 -31.32
N MET M 46 -2.68 26.29 -30.65
CA MET M 46 -3.58 27.40 -30.96
CA MET M 46 -3.58 27.39 -30.95
C MET M 46 -3.37 27.90 -32.38
N SER M 47 -2.12 27.98 -32.82
CA SER M 47 -1.84 28.49 -34.16
C SER M 47 -2.45 27.59 -35.23
N ASP M 48 -2.37 26.27 -35.04
CA ASP M 48 -2.94 25.35 -36.02
C ASP M 48 -4.46 25.49 -36.07
N ILE M 49 -5.10 25.71 -34.92
CA ILE M 49 -6.55 25.80 -34.90
C ILE M 49 -7.02 27.06 -35.63
N LEU M 50 -6.33 28.18 -35.42
CA LEU M 50 -6.75 29.44 -36.03
C LEU M 50 -6.57 29.44 -37.53
N GLN M 51 -5.89 28.45 -38.10
CA GLN M 51 -5.85 28.28 -39.55
C GLN M 51 -7.18 27.79 -40.11
N HIS M 52 -8.08 27.29 -39.26
CA HIS M 52 -9.41 26.90 -39.67
C HIS M 52 -10.48 27.86 -39.14
N ALA M 53 -10.09 29.06 -38.75
CA ALA M 53 -11.05 30.02 -38.23
C ALA M 53 -12.15 30.29 -39.25
N GLU M 54 -11.81 30.20 -40.54
CA GLU M 54 -12.80 30.44 -41.58
C GLU M 54 -13.87 29.35 -41.59
N LYS M 55 -13.47 28.09 -41.44
CA LYS M 55 -14.44 27.00 -41.40
C LYS M 55 -15.29 27.04 -40.13
N ALA M 56 -14.74 27.57 -39.03
CA ALA M 56 -15.48 27.63 -37.78
C ALA M 56 -16.43 28.83 -37.74
N GLU M 57 -16.07 29.93 -38.39
CA GLU M 57 -16.96 31.08 -38.42
C GLU M 57 -18.25 30.79 -39.18
N GLN M 58 -18.19 29.89 -40.17
CA GLN M 58 -19.38 29.54 -40.93
C GLN M 58 -20.47 28.92 -40.07
N VAL M 59 -20.15 28.49 -38.85
CA VAL M 59 -21.12 27.89 -37.95
C VAL M 59 -21.27 28.70 -36.66
N GLY M 60 -20.78 29.95 -36.66
CA GLY M 60 -21.01 30.86 -35.56
C GLY M 60 -19.88 30.95 -34.55
N VAL M 61 -18.82 30.17 -34.71
CA VAL M 61 -17.72 30.15 -33.75
C VAL M 61 -16.66 31.15 -34.20
N SER M 62 -16.41 32.16 -33.36
CA SER M 62 -15.41 33.17 -33.65
C SER M 62 -14.05 32.78 -33.08
N LYS M 63 -13.01 33.45 -33.57
CA LYS M 63 -11.67 33.24 -33.01
C LYS M 63 -11.68 33.46 -31.50
N SER M 64 -12.32 34.55 -31.07
CA SER M 64 -12.38 34.86 -29.65
C SER M 64 -12.96 33.71 -28.84
N LYS M 65 -13.90 32.96 -29.41
CA LYS M 65 -14.50 31.85 -28.70
C LYS M 65 -13.67 30.57 -28.81
N LEU M 66 -12.94 30.39 -29.90
CA LEU M 66 -12.03 29.26 -30.01
C LEU M 66 -10.90 29.36 -28.99
N ARG M 67 -10.37 30.56 -28.77
CA ARG M 67 -9.34 30.74 -27.76
C ARG M 67 -9.88 30.43 -26.37
N GLU M 68 -11.09 30.91 -26.06
CA GLU M 68 -11.66 30.65 -24.75
C GLU M 68 -11.87 29.17 -24.50
N ALA M 69 -11.96 28.36 -25.55
CA ALA M 69 -12.17 26.93 -25.42
C ALA M 69 -10.87 26.18 -25.21
N VAL M 70 -9.85 26.50 -26.01
CA VAL M 70 -8.54 25.91 -25.83
C VAL M 70 -7.96 26.30 -24.47
N VAL M 71 -8.20 27.53 -24.03
CA VAL M 71 -7.74 27.93 -22.70
C VAL M 71 -8.46 27.13 -21.62
N LEU M 72 -9.79 27.09 -21.70
CA LEU M 72 -10.57 26.30 -20.74
C LEU M 72 -10.19 24.83 -20.81
N PHE M 73 -9.99 24.30 -22.02
CA PHE M 73 -9.70 22.87 -22.16
C PHE M 73 -8.39 22.52 -21.46
N THR M 74 -7.41 23.43 -21.47
CA THR M 74 -6.08 23.14 -20.96
C THR M 74 -5.89 23.52 -19.49
N ARG M 75 -6.92 24.07 -18.84
CA ARG M 75 -6.86 24.33 -17.40
C ARG M 75 -7.45 23.19 -16.58
N ARG M 76 -8.29 22.34 -17.18
CA ARG M 76 -8.91 21.25 -16.46
C ARG M 76 -7.87 20.41 -15.73
N LEU M 77 -8.26 19.88 -14.57
CA LEU M 77 -7.33 19.11 -13.76
C LEU M 77 -6.87 17.85 -14.47
N ASP M 78 -7.75 17.21 -15.25
CA ASP M 78 -7.36 15.98 -15.94
C ASP M 78 -6.29 16.25 -16.98
N TYR M 79 -6.33 17.42 -17.62
CA TYR M 79 -5.24 17.77 -18.54
C TYR M 79 -3.95 18.02 -17.76
N LEU M 80 -4.01 18.92 -16.77
CA LEU M 80 -2.83 19.19 -15.96
C LEU M 80 -2.30 17.92 -15.30
N ALA M 81 -3.17 16.96 -15.03
CA ALA M 81 -2.74 15.73 -14.36
C ALA M 81 -1.98 14.79 -15.28
N CYS M 82 -2.16 14.90 -16.60
CA CYS M 82 -1.47 14.04 -17.55
C CYS M 82 -0.22 14.70 -18.13
N LEU M 83 0.12 15.92 -17.70
CA LEU M 83 1.34 16.60 -18.16
C LEU M 83 2.52 16.15 -17.30
N LYS M 84 2.89 14.89 -17.49
CA LYS M 84 3.97 14.27 -16.74
C LYS M 84 5.24 14.22 -17.57
N ALA M 85 6.38 14.21 -16.87
CA ALA M 85 7.68 14.28 -17.52
C ALA M 85 7.80 13.22 -18.60
N ARG M 86 8.19 13.66 -19.80
CA ARG M 86 8.42 12.80 -20.95
C ARG M 86 7.15 12.14 -21.47
N GLU M 87 5.99 12.74 -21.19
CA GLU M 87 4.76 12.35 -21.85
C GLU M 87 4.71 12.95 -23.24
N VAL M 88 4.03 12.25 -24.15
CA VAL M 88 4.00 12.64 -25.55
C VAL M 88 2.97 13.74 -25.77
N ARG M 89 3.40 14.83 -26.39
CA ARG M 89 2.50 15.86 -26.90
C ARG M 89 2.05 15.47 -28.31
N ILE M 90 0.77 15.71 -28.61
CA ILE M 90 0.17 15.27 -29.87
C ILE M 90 -0.42 16.47 -30.58
N ASP M 91 -0.44 16.40 -31.91
CA ASP M 91 -1.02 17.45 -32.73
C ASP M 91 -2.53 17.24 -32.84
N LEU M 92 -3.18 18.00 -33.73
CA LEU M 92 -4.62 17.91 -33.88
C LEU M 92 -5.07 16.56 -34.43
N HIS M 93 -4.14 15.75 -34.92
CA HIS M 93 -4.46 14.46 -35.52
C HIS M 93 -3.84 13.30 -34.75
N GLY M 94 -3.42 13.53 -33.51
CA GLY M 94 -2.93 12.47 -32.65
C GLY M 94 -1.52 12.00 -32.90
N ASN M 95 -0.77 12.66 -33.77
CA ASN M 95 0.59 12.20 -34.06
C ASN M 95 1.55 12.67 -32.97
N PRO M 96 2.51 11.84 -32.57
CA PRO M 96 3.53 12.30 -31.62
C PRO M 96 4.42 13.34 -32.29
N VAL M 97 4.68 14.44 -31.56
CA VAL M 97 5.46 15.54 -32.13
C VAL M 97 6.48 16.06 -31.13
N ALA M 98 6.27 15.80 -29.84
CA ALA M 98 7.19 16.30 -28.83
C ALA M 98 6.91 15.56 -27.52
N GLU M 99 7.67 15.93 -26.49
CA GLU M 99 7.54 15.35 -25.16
C GLU M 99 7.39 16.47 -24.15
N VAL M 100 6.72 16.16 -23.04
CA VAL M 100 6.58 17.12 -21.96
C VAL M 100 7.89 17.18 -21.19
N THR M 101 8.44 18.38 -21.04
CA THR M 101 9.68 18.52 -20.32
C THR M 101 9.41 18.50 -18.82
N GLU M 102 10.46 18.19 -18.05
CA GLU M 102 10.31 18.14 -16.60
C GLU M 102 9.82 19.47 -16.04
N GLU M 103 10.34 20.58 -16.60
CA GLU M 103 9.91 21.90 -16.15
C GLU M 103 8.42 22.10 -16.40
N GLU M 104 7.96 21.73 -17.60
CA GLU M 104 6.54 21.89 -17.92
C GLU M 104 5.67 21.05 -16.99
N ALA M 105 6.15 19.88 -16.59
CA ALA M 105 5.39 19.05 -15.67
C ALA M 105 5.35 19.66 -14.27
N GLU M 106 6.46 20.28 -13.85
CA GLU M 106 6.49 20.92 -12.53
C GLU M 106 5.53 22.11 -12.48
N ASN M 107 5.57 22.97 -13.50
CA ASN M 107 4.62 24.08 -13.56
C ASN M 107 3.18 23.57 -13.54
N ALA M 108 2.94 22.40 -14.14
CA ALA M 108 1.59 21.84 -14.15
C ALA M 108 1.18 21.39 -12.76
N SER M 109 1.99 20.56 -12.11
CA SER M 109 1.66 20.10 -10.77
C SER M 109 1.50 21.27 -9.80
N MET M 110 2.20 22.38 -10.04
CA MET M 110 2.02 23.56 -9.21
C MET M 110 0.61 24.13 -9.37
N LYS M 111 0.11 24.18 -10.61
CA LYS M 111 -1.23 24.69 -10.85
C LYS M 111 -2.27 23.87 -10.10
N ILE M 112 -2.09 22.55 -10.08
CA ILE M 112 -3.06 21.67 -9.44
C ILE M 112 -3.06 21.89 -7.94
N LYS M 113 -1.87 21.98 -7.33
CA LYS M 113 -1.78 22.23 -5.90
C LYS M 113 -2.31 23.62 -5.54
N LYS M 114 -2.22 24.57 -6.46
CA LYS M 114 -2.78 25.89 -6.21
C LYS M 114 -4.30 25.89 -6.25
N ARG M 115 -4.90 24.93 -6.94
CA ARG M 115 -6.36 24.78 -6.95
C ARG M 115 -6.86 23.83 -5.87
N VAL M 116 -5.98 23.08 -5.23
CA VAL M 116 -6.38 22.21 -4.13
C VAL M 116 -5.99 22.86 -2.82
N ARG N 15 -11.46 15.43 -63.23
CA ARG N 15 -12.89 15.63 -63.08
C ARG N 15 -13.26 15.77 -61.59
N ALA N 16 -13.66 14.66 -60.97
CA ALA N 16 -13.90 14.67 -59.54
C ALA N 16 -12.58 14.70 -58.75
N ARG N 17 -11.48 14.34 -59.40
CA ARG N 17 -10.17 14.44 -58.78
C ARG N 17 -9.71 15.88 -58.59
N SER N 18 -10.35 16.82 -59.29
CA SER N 18 -10.11 18.24 -59.05
C SER N 18 -10.80 18.69 -57.76
N ASP N 19 -12.11 18.49 -57.67
CA ASP N 19 -12.85 18.86 -56.47
C ASP N 19 -12.17 18.36 -55.21
N ALA N 20 -11.57 17.16 -55.26
CA ALA N 20 -10.83 16.64 -54.12
C ALA N 20 -9.61 17.51 -53.82
N LEU N 21 -8.83 17.81 -54.86
CA LEU N 21 -7.65 18.65 -54.66
C LEU N 21 -8.04 20.08 -54.29
N LEU N 22 -9.14 20.58 -54.88
CA LEU N 22 -9.64 21.91 -54.50
C LEU N 22 -10.06 21.92 -53.04
N TRP N 23 -10.71 20.86 -52.59
CA TRP N 23 -11.08 20.76 -51.18
C TRP N 23 -9.86 20.77 -50.28
N LEU N 24 -8.79 20.07 -50.68
CA LEU N 24 -7.56 20.05 -49.89
C LEU N 24 -6.95 21.44 -49.83
N ALA N 25 -6.87 22.13 -50.97
CA ALA N 25 -6.25 23.44 -51.01
C ALA N 25 -7.05 24.47 -50.21
N ALA N 26 -8.35 24.26 -50.08
CA ALA N 26 -9.18 25.22 -49.36
C ALA N 26 -9.13 24.98 -47.85
N ASN N 27 -9.03 23.72 -47.42
CA ASN N 27 -9.04 23.38 -46.01
C ASN N 27 -7.65 23.24 -45.41
N PHE N 28 -6.65 22.85 -46.20
CA PHE N 28 -5.26 22.72 -45.74
C PHE N 28 -4.35 23.39 -46.76
N PRO N 29 -4.41 24.72 -46.88
CA PRO N 29 -3.63 25.39 -47.92
C PRO N 29 -2.13 25.33 -47.68
N GLU N 30 -1.70 25.30 -46.41
CA GLU N 30 -0.27 25.28 -46.12
C GLU N 30 0.42 24.09 -46.77
N ALA N 31 -0.32 23.07 -47.16
CA ALA N 31 0.22 21.87 -47.79
C ALA N 31 -0.12 21.75 -49.26
N PHE N 32 -1.34 22.14 -49.65
CA PHE N 32 -1.85 21.90 -50.99
C PHE N 32 -2.18 23.16 -51.77
N ASP N 33 -1.94 24.34 -51.22
CA ASP N 33 -2.11 25.59 -51.98
C ASP N 33 -0.76 25.91 -52.61
N ASN N 34 -0.56 25.36 -53.81
CA ASN N 34 0.71 25.48 -54.53
C ASN N 34 0.86 26.81 -55.27
N SER N 35 -0.03 27.78 -55.06
CA SER N 35 0.14 29.08 -55.69
C SER N 35 1.30 29.86 -55.07
N LEU N 36 1.61 29.62 -53.81
CA LEU N 36 2.73 30.29 -53.14
C LEU N 36 4.02 29.51 -53.29
N ARG N 37 3.97 28.21 -52.96
CA ARG N 37 5.15 27.36 -52.94
C ARG N 37 4.67 25.92 -52.83
N ILE N 38 5.55 25.00 -53.20
CA ILE N 38 5.33 23.58 -52.99
C ILE N 38 6.46 23.07 -52.10
N ARG N 39 6.09 22.34 -51.06
CA ARG N 39 7.05 21.85 -50.07
C ARG N 39 6.82 20.37 -49.84
N PRO N 40 7.86 19.62 -49.48
CA PRO N 40 7.67 18.20 -49.20
C PRO N 40 6.60 18.01 -48.14
N LEU N 41 5.79 16.97 -48.32
CA LEU N 41 4.69 16.68 -47.40
C LEU N 41 5.12 15.61 -46.44
N LYS N 42 4.64 15.72 -45.20
CA LYS N 42 4.90 14.72 -44.18
C LYS N 42 4.72 13.32 -44.75
N ILE N 43 5.61 12.41 -44.34
CA ILE N 43 5.43 11.00 -44.69
C ILE N 43 4.27 10.46 -43.87
N GLY N 44 3.25 9.95 -44.55
CA GLY N 44 2.03 9.57 -43.88
C GLY N 44 1.00 10.66 -43.78
N ILE N 45 1.12 11.70 -44.61
CA ILE N 45 0.13 12.77 -44.63
C ILE N 45 -1.26 12.24 -44.95
N MET N 46 -1.33 11.09 -45.63
CA MET N 46 -2.62 10.55 -46.04
CA MET N 46 -2.63 10.57 -46.04
C MET N 46 -3.48 10.20 -44.83
N SER N 47 -2.86 9.65 -43.78
CA SER N 47 -3.62 9.26 -42.61
C SER N 47 -4.30 10.47 -41.97
N ASP N 48 -3.60 11.60 -41.93
CA ASP N 48 -4.17 12.81 -41.35
C ASP N 48 -5.36 13.31 -42.18
N ILE N 49 -5.27 13.17 -43.51
CA ILE N 49 -6.31 13.69 -44.38
C ILE N 49 -7.60 12.89 -44.21
N LEU N 50 -7.49 11.56 -44.12
CA LEU N 50 -8.67 10.73 -44.02
C LEU N 50 -9.38 10.87 -42.67
N GLN N 51 -8.76 11.55 -41.71
CA GLN N 51 -9.46 11.87 -40.47
C GLN N 51 -10.55 12.92 -40.68
N HIS N 52 -10.55 13.58 -41.85
CA HIS N 52 -11.60 14.54 -42.22
C HIS N 52 -12.50 13.99 -43.32
N ALA N 53 -12.50 12.67 -43.52
CA ALA N 53 -13.30 12.10 -44.60
C ALA N 53 -14.77 12.45 -44.45
N GLU N 54 -15.24 12.64 -43.21
CA GLU N 54 -16.64 13.00 -43.00
C GLU N 54 -16.92 14.42 -43.48
N LYS N 55 -16.05 15.38 -43.15
CA LYS N 55 -16.28 16.74 -43.59
C LYS N 55 -16.12 16.89 -45.11
N ALA N 56 -15.26 16.06 -45.72
CA ALA N 56 -15.06 16.16 -47.16
C ALA N 56 -16.15 15.46 -47.94
N GLU N 57 -16.71 14.37 -47.40
CA GLU N 57 -17.79 13.68 -48.08
C GLU N 57 -19.06 14.52 -48.13
N GLN N 58 -19.27 15.38 -47.13
CA GLN N 58 -20.44 16.25 -47.11
C GLN N 58 -20.48 17.22 -48.28
N VAL N 59 -19.39 17.37 -49.03
CA VAL N 59 -19.36 18.23 -50.21
C VAL N 59 -19.05 17.43 -51.47
N GLY N 60 -19.16 16.10 -51.39
CA GLY N 60 -19.03 15.23 -52.54
C GLY N 60 -17.68 14.57 -52.73
N VAL N 61 -16.70 14.87 -51.87
CA VAL N 61 -15.35 14.32 -52.00
C VAL N 61 -15.24 13.04 -51.20
N SER N 62 -14.97 11.93 -51.89
CA SER N 62 -14.86 10.63 -51.25
C SER N 62 -13.42 10.34 -50.85
N LYS N 63 -13.26 9.35 -49.96
CA LYS N 63 -11.93 8.91 -49.58
C LYS N 63 -11.13 8.49 -50.81
N SER N 64 -11.75 7.69 -51.68
CA SER N 64 -11.06 7.22 -52.87
C SER N 64 -10.49 8.36 -53.70
N LYS N 65 -11.18 9.50 -53.72
CA LYS N 65 -10.71 10.63 -54.51
C LYS N 65 -9.65 11.43 -53.79
N LEU N 66 -9.69 11.46 -52.44
CA LEU N 66 -8.62 12.11 -51.70
C LEU N 66 -7.29 11.39 -51.89
N ARG N 67 -7.30 10.06 -51.88
CA ARG N 67 -6.08 9.31 -52.14
C ARG N 67 -5.57 9.57 -53.54
N GLU N 68 -6.48 9.54 -54.52
CA GLU N 68 -6.11 9.77 -55.91
C GLU N 68 -5.55 11.17 -56.14
N ALA N 69 -5.91 12.13 -55.28
CA ALA N 69 -5.46 13.51 -55.42
C ALA N 69 -4.09 13.74 -54.80
N VAL N 70 -3.88 13.22 -53.59
CA VAL N 70 -2.57 13.32 -52.94
C VAL N 70 -1.50 12.66 -53.80
N VAL N 71 -1.84 11.53 -54.44
CA VAL N 71 -0.90 10.87 -55.33
C VAL N 71 -0.59 11.78 -56.52
N LEU N 72 -1.63 12.29 -57.17
CA LEU N 72 -1.43 13.19 -58.30
C LEU N 72 -0.62 14.41 -57.87
N PHE N 73 -0.91 14.96 -56.68
CA PHE N 73 -0.20 16.15 -56.22
C PHE N 73 1.29 15.88 -56.08
N THR N 74 1.66 14.67 -55.65
CA THR N 74 3.06 14.35 -55.36
C THR N 74 3.80 13.73 -56.55
N ARG N 75 3.11 13.30 -57.59
CA ARG N 75 3.79 12.84 -58.81
C ARG N 75 4.13 13.97 -59.75
N ARG N 76 3.67 15.19 -59.47
CA ARG N 76 4.01 16.33 -60.31
C ARG N 76 5.52 16.54 -60.31
N LEU N 77 6.04 17.01 -61.45
CA LEU N 77 7.47 17.25 -61.55
C LEU N 77 7.93 18.31 -60.57
N ASP N 78 7.06 19.29 -60.28
CA ASP N 78 7.43 20.34 -59.34
C ASP N 78 7.57 19.81 -57.93
N TYR N 79 6.74 18.84 -57.55
CA TYR N 79 6.90 18.23 -56.22
C TYR N 79 8.19 17.42 -56.15
N LEU N 80 8.39 16.51 -57.10
CA LEU N 80 9.61 15.72 -57.10
C LEU N 80 10.84 16.60 -57.13
N ALA N 81 10.74 17.79 -57.73
CA ALA N 81 11.91 18.66 -57.85
C ALA N 81 12.29 19.32 -56.53
N CYS N 82 11.37 19.41 -55.58
CA CYS N 82 11.64 20.02 -54.28
C CYS N 82 11.98 19.00 -53.19
N LEU N 83 12.05 17.71 -53.53
CA LEU N 83 12.43 16.68 -52.56
C LEU N 83 13.96 16.58 -52.51
N LYS N 84 14.57 17.60 -51.92
CA LYS N 84 16.02 17.70 -51.80
C LYS N 84 16.47 17.34 -50.39
N ALA N 85 17.69 16.83 -50.28
CA ALA N 85 18.21 16.32 -49.02
C ALA N 85 18.07 17.34 -47.90
N ARG N 86 17.48 16.90 -46.78
CA ARG N 86 17.30 17.69 -45.58
C ARG N 86 16.36 18.86 -45.79
N GLU N 87 15.47 18.77 -46.78
CA GLU N 87 14.38 19.70 -46.91
C GLU N 87 13.28 19.34 -45.92
N VAL N 88 12.55 20.36 -45.49
CA VAL N 88 11.58 20.19 -44.42
C VAL N 88 10.31 19.56 -44.99
N ARG N 89 9.89 18.45 -44.40
CA ARG N 89 8.56 17.92 -44.66
C ARG N 89 7.61 18.61 -43.69
N ILE N 90 6.42 18.94 -44.18
CA ILE N 90 5.47 19.73 -43.41
C ILE N 90 4.15 18.97 -43.31
N ASP N 91 3.46 19.16 -42.19
CA ASP N 91 2.16 18.56 -41.97
C ASP N 91 1.10 19.45 -42.62
N LEU N 92 -0.18 19.17 -42.34
CA LEU N 92 -1.25 19.90 -43.00
C LEU N 92 -1.29 21.38 -42.64
N HIS N 93 -0.52 21.82 -41.65
CA HIS N 93 -0.53 23.21 -41.20
C HIS N 93 0.80 23.92 -41.42
N GLY N 94 1.67 23.36 -42.26
CA GLY N 94 2.93 24.00 -42.60
C GLY N 94 4.02 23.88 -41.57
N ASN N 95 3.82 23.10 -40.51
CA ASN N 95 4.81 22.97 -39.45
C ASN N 95 5.88 21.96 -39.84
N PRO N 96 7.15 22.23 -39.54
CA PRO N 96 8.20 21.23 -39.81
C PRO N 96 8.01 20.01 -38.93
N VAL N 97 8.15 18.83 -39.54
CA VAL N 97 7.94 17.58 -38.83
C VAL N 97 9.02 16.55 -39.11
N ALA N 98 9.74 16.65 -40.22
CA ALA N 98 10.78 15.69 -40.56
C ALA N 98 11.62 16.31 -41.66
N GLU N 99 12.62 15.57 -42.11
CA GLU N 99 13.53 16.01 -43.15
C GLU N 99 13.55 14.95 -44.23
N VAL N 100 13.85 15.38 -45.45
CA VAL N 100 13.94 14.46 -46.57
C VAL N 100 15.26 13.70 -46.46
N THR N 101 15.18 12.38 -46.45
CA THR N 101 16.38 11.56 -46.31
C THR N 101 17.11 11.45 -47.64
N GLU N 102 18.38 11.05 -47.55
CA GLU N 102 19.19 10.90 -48.75
C GLU N 102 18.56 9.92 -49.73
N GLU N 103 18.01 8.81 -49.23
CA GLU N 103 17.37 7.85 -50.11
C GLU N 103 16.15 8.47 -50.79
N GLU N 104 15.31 9.16 -50.02
CA GLU N 104 14.09 9.74 -50.59
C GLU N 104 14.41 10.77 -51.66
N ALA N 105 15.49 11.52 -51.51
CA ALA N 105 15.85 12.53 -52.49
C ALA N 105 16.35 11.90 -53.79
N GLU N 106 17.14 10.83 -53.70
CA GLU N 106 17.65 10.19 -54.91
C GLU N 106 16.52 9.51 -55.69
N ASN N 107 15.65 8.78 -55.00
CA ASN N 107 14.53 8.15 -55.68
C ASN N 107 13.68 9.18 -56.42
N ALA N 108 13.60 10.41 -55.89
CA ALA N 108 12.83 11.45 -56.55
C ALA N 108 13.49 11.88 -57.85
N SER N 109 14.78 12.26 -57.79
CA SER N 109 15.49 12.65 -59.01
C SER N 109 15.50 11.52 -60.03
N MET N 110 15.44 10.27 -59.58
CA MET N 110 15.32 9.14 -60.49
C MET N 110 13.97 9.19 -61.22
N LYS N 111 12.88 9.47 -60.49
CA LYS N 111 11.57 9.55 -61.12
C LYS N 111 11.52 10.65 -62.17
N ILE N 112 12.19 11.78 -61.92
CA ILE N 112 12.15 12.90 -62.86
C ILE N 112 12.87 12.52 -64.16
N LYS N 113 14.07 11.94 -64.05
CA LYS N 113 14.82 11.56 -65.25
C LYS N 113 14.04 10.54 -66.07
N LYS N 114 13.41 9.58 -65.41
CA LYS N 114 12.59 8.59 -66.12
C LYS N 114 11.43 9.27 -66.85
N ARG N 115 10.97 10.42 -66.35
CA ARG N 115 9.89 11.18 -66.97
C ARG N 115 10.41 12.20 -67.99
N VAL N 116 11.54 11.93 -68.64
CA VAL N 116 12.07 12.82 -69.66
C VAL N 116 12.84 12.02 -70.70
#